data_2VCQ
#
_entry.id   2VCQ
#
_cell.length_a   121.720
_cell.length_b   121.720
_cell.length_c   105.566
_cell.angle_alpha   90.00
_cell.angle_beta   90.00
_cell.angle_gamma   90.00
#
_symmetry.space_group_name_H-M   'I 41'
#
loop_
_entity.id
_entity.type
_entity.pdbx_description
1 polymer 'GLUTATHIONE-REQUIRING PROSTAGLANDIN D SYNTHASE'
2 non-polymer GLUTATHIONE
3 non-polymer 3-phenyl-5-(1H-pyrazol-3-yl)isoxazole
4 water water
#
_entity_poly.entity_id   1
_entity_poly.type   'polypeptide(L)'
_entity_poly.pdbx_seq_one_letter_code
;MPNYKLTYFNMRGRAEIIRYIFAYLDIQYEDHRIEQADWPEIKSTLPFGKIPILEVDGLTLHQSLAIARYLTKNTDLAGN
TEMEQCHVDAIVDTLDDFMSCFPWAEKKQDVKEQMFNELLTYNAPHLMQDLDTYLGGREWLIGNSVTWADFYWEICSTTL
LVFKPDLLDNHPRLVTLRKKVQAIPAVANWIKRRPQTKL
;
_entity_poly.pdbx_strand_id   A,B,C,D
#
loop_
_chem_comp.id
_chem_comp.type
_chem_comp.name
_chem_comp.formula
D25 non-polymer 3-phenyl-5-(1H-pyrazol-3-yl)isoxazole 'C12 H9 N3 O'
GSH non-polymer GLUTATHIONE 'C10 H17 N3 O6 S'
#
# COMPACT_ATOMS: atom_id res chain seq x y z
N PRO A 2 14.09 -6.15 -4.66
CA PRO A 2 14.99 -5.46 -3.75
C PRO A 2 16.26 -6.24 -3.51
N ASN A 3 17.30 -5.54 -3.05
CA ASN A 3 18.55 -6.16 -2.66
C ASN A 3 18.40 -6.48 -1.19
N TYR A 4 18.66 -7.73 -0.80
CA TYR A 4 18.55 -8.14 0.59
C TYR A 4 19.87 -8.61 1.15
N LYS A 5 20.21 -8.08 2.32
CA LYS A 5 21.39 -8.50 3.04
C LYS A 5 21.04 -8.87 4.49
N LEU A 6 21.19 -10.15 4.81
CA LEU A 6 20.94 -10.67 6.15
C LEU A 6 22.25 -10.75 6.94
N THR A 7 22.27 -10.18 8.14
CA THR A 7 23.44 -10.23 9.01
C THR A 7 23.14 -10.94 10.32
N TYR A 8 23.95 -11.95 10.65
CA TYR A 8 23.82 -12.68 11.91
C TYR A 8 25.12 -13.46 12.13
N PHE A 9 25.19 -14.17 13.24
CA PHE A 9 26.34 -15.03 13.55
C PHE A 9 26.34 -16.26 12.64
N ASN A 10 27.45 -16.99 12.62
CA ASN A 10 27.54 -18.22 11.82
C ASN A 10 26.84 -19.29 12.64
N MET A 11 25.52 -19.39 12.42
CA MET A 11 24.72 -20.24 13.26
C MET A 11 23.34 -20.23 12.62
N ARG A 12 22.54 -21.24 12.94
CA ARG A 12 21.16 -21.24 12.46
C ARG A 12 20.46 -20.22 13.36
N GLY A 13 20.36 -20.54 14.65
CA GLY A 13 19.79 -19.65 15.66
C GLY A 13 18.55 -18.92 15.20
N ARG A 14 18.51 -17.62 15.51
CA ARG A 14 17.36 -16.78 15.20
C ARG A 14 17.28 -16.26 13.76
N ALA A 15 18.31 -16.50 12.95
CA ALA A 15 18.25 -16.09 11.54
C ALA A 15 17.64 -17.16 10.65
N GLU A 16 17.69 -18.41 11.10
CA GLU A 16 17.29 -19.54 10.28
C GLU A 16 15.89 -19.47 9.69
N ILE A 17 14.90 -19.02 10.46
CA ILE A 17 13.53 -18.89 9.91
C ILE A 17 13.53 -17.94 8.68
N ILE A 18 14.35 -16.89 8.76
CA ILE A 18 14.48 -15.93 7.67
C ILE A 18 15.12 -16.63 6.46
N ARG A 19 16.17 -17.41 6.70
CA ARG A 19 16.83 -18.16 5.61
C ARG A 19 15.91 -19.17 4.93
N TYR A 20 15.08 -19.87 5.72
CA TYR A 20 14.08 -20.80 5.14
C TYR A 20 13.10 -20.08 4.23
N ILE A 21 12.59 -18.95 4.69
CA ILE A 21 11.61 -18.16 3.92
C ILE A 21 12.20 -17.68 2.58
N PHE A 22 13.40 -17.12 2.62
CA PHE A 22 14.08 -16.69 1.39
C PHE A 22 14.17 -17.87 0.42
N ALA A 23 14.60 -19.01 0.93
CA ALA A 23 14.75 -20.21 0.13
C ALA A 23 13.41 -20.64 -0.47
N TYR A 24 12.38 -20.77 0.37
CA TYR A 24 11.07 -21.21 -0.13
C TYR A 24 10.51 -20.31 -1.21
N LEU A 25 10.64 -18.99 -1.01
CA LEU A 25 10.08 -18.01 -1.94
C LEU A 25 10.97 -17.77 -3.14
N ASP A 26 12.13 -18.42 -3.13
CA ASP A 26 13.12 -18.32 -4.20
C ASP A 26 13.57 -16.87 -4.34
N ILE A 27 13.86 -16.22 -3.23
CA ILE A 27 14.32 -14.84 -3.22
C ILE A 27 15.81 -14.84 -2.92
N GLN A 28 16.60 -14.30 -3.84
CA GLN A 28 18.06 -14.25 -3.67
C GLN A 28 18.43 -13.20 -2.63
N TYR A 29 19.44 -13.51 -1.81
CA TYR A 29 19.91 -12.60 -0.78
C TYR A 29 21.35 -12.88 -0.40
N GLU A 30 21.95 -11.94 0.32
CA GLU A 30 23.30 -12.11 0.84
C GLU A 30 23.27 -12.64 2.29
N ASP A 31 23.85 -13.81 2.49
CA ASP A 31 23.85 -14.46 3.79
C ASP A 31 25.12 -14.07 4.52
N HIS A 32 25.13 -12.87 5.07
CA HIS A 32 26.31 -12.38 5.76
C HIS A 32 26.42 -12.90 7.18
N ARG A 33 27.48 -13.66 7.42
CA ARG A 33 27.75 -14.25 8.71
C ARG A 33 28.98 -13.59 9.32
N ILE A 34 28.85 -13.13 10.56
CA ILE A 34 29.93 -12.44 11.25
C ILE A 34 30.64 -13.33 12.26
N GLU A 35 31.79 -12.85 12.71
CA GLU A 35 32.61 -13.48 13.73
C GLU A 35 32.49 -12.65 15.00
N GLN A 36 32.82 -13.25 16.14
CA GLN A 36 32.76 -12.54 17.43
C GLN A 36 33.47 -11.19 17.41
N ALA A 37 34.73 -11.21 16.99
CA ALA A 37 35.58 -10.01 16.94
C ALA A 37 34.98 -8.81 16.22
N ASP A 38 34.08 -9.06 15.27
CA ASP A 38 33.45 -7.99 14.49
C ASP A 38 32.11 -7.52 15.07
N TRP A 39 31.66 -8.18 16.15
CA TRP A 39 30.37 -7.87 16.76
C TRP A 39 30.30 -6.47 17.42
N PRO A 40 31.21 -6.13 18.36
CA PRO A 40 31.19 -4.79 18.96
C PRO A 40 31.05 -3.62 17.97
N GLU A 41 31.77 -3.67 16.85
CA GLU A 41 31.73 -2.59 15.87
C GLU A 41 30.38 -2.47 15.17
N ILE A 42 29.84 -3.62 14.73
CA ILE A 42 28.55 -3.70 14.04
C ILE A 42 27.43 -3.33 15.01
N LYS A 43 27.51 -3.85 16.23
CA LYS A 43 26.52 -3.62 17.27
C LYS A 43 26.26 -2.14 17.52
N SER A 44 27.34 -1.38 17.72
CA SER A 44 27.26 0.05 17.95
C SER A 44 26.49 0.78 16.86
N THR A 45 26.45 0.21 15.65
CA THR A 45 25.73 0.83 14.53
C THR A 45 24.23 0.55 14.55
N LEU A 46 23.82 -0.45 15.31
CA LEU A 46 22.41 -0.88 15.33
C LEU A 46 21.56 -0.19 16.41
N PRO A 47 20.46 0.47 15.98
CA PRO A 47 19.49 1.12 16.87
C PRO A 47 19.15 0.32 18.14
N PHE A 48 18.89 -0.99 17.99
CA PHE A 48 18.57 -1.83 19.14
C PHE A 48 19.67 -2.83 19.54
N GLY A 49 20.82 -2.72 18.88
CA GLY A 49 22.02 -3.52 19.19
C GLY A 49 21.89 -5.03 19.20
N LYS A 50 21.06 -5.56 18.31
CA LYS A 50 20.83 -6.99 18.25
C LYS A 50 20.68 -7.48 16.82
N ILE A 51 21.06 -8.73 16.60
CA ILE A 51 20.94 -9.38 15.31
C ILE A 51 20.05 -10.61 15.48
N PRO A 52 19.46 -11.11 14.38
CA PRO A 52 19.62 -10.65 13.01
C PRO A 52 19.05 -9.30 12.63
N ILE A 53 19.62 -8.75 11.57
CA ILE A 53 19.11 -7.56 10.92
C ILE A 53 19.04 -7.89 9.43
N LEU A 54 18.09 -7.24 8.76
CA LEU A 54 17.95 -7.41 7.34
C LEU A 54 17.99 -6.03 6.70
N GLU A 55 18.92 -5.85 5.77
CA GLU A 55 19.01 -4.61 5.02
C GLU A 55 18.31 -4.80 3.69
N VAL A 56 17.31 -3.96 3.42
CA VAL A 56 16.55 -4.02 2.18
C VAL A 56 16.86 -2.71 1.45
N ASP A 57 17.46 -2.81 0.26
CA ASP A 57 17.87 -1.62 -0.52
C ASP A 57 18.50 -0.54 0.38
N GLY A 58 19.36 -0.97 1.31
CA GLY A 58 20.01 -0.04 2.22
C GLY A 58 19.21 0.39 3.45
N LEU A 59 18.04 -0.21 3.67
CA LEU A 59 17.20 0.12 4.85
C LEU A 59 17.19 -1.04 5.83
N THR A 60 17.63 -0.77 7.06
CA THR A 60 17.74 -1.78 8.12
C THR A 60 16.43 -2.14 8.84
N LEU A 61 16.18 -3.45 8.95
CA LEU A 61 15.05 -4.03 9.67
C LEU A 61 15.65 -4.92 10.75
N HIS A 62 14.97 -5.03 11.90
CA HIS A 62 15.43 -5.85 13.02
C HIS A 62 14.27 -6.71 13.55
N GLN A 63 14.56 -7.60 14.49
CA GLN A 63 13.58 -8.52 15.10
C GLN A 63 13.25 -9.65 14.11
N SER A 64 13.80 -10.84 14.36
CA SER A 64 13.68 -11.93 13.39
C SER A 64 12.28 -12.29 12.94
N LEU A 65 11.35 -12.33 13.89
CA LEU A 65 9.96 -12.71 13.54
C LEU A 65 9.24 -11.59 12.83
N ALA A 66 9.59 -10.35 13.14
CA ALA A 66 8.99 -9.22 12.46
C ALA A 66 9.43 -9.29 11.01
N ILE A 67 10.72 -9.54 10.80
CA ILE A 67 11.28 -9.70 9.45
C ILE A 67 10.62 -10.88 8.74
N ALA A 68 10.54 -12.04 9.41
CA ALA A 68 9.92 -13.22 8.82
C ALA A 68 8.50 -12.94 8.36
N ARG A 69 7.72 -12.26 9.19
CA ARG A 69 6.35 -11.94 8.81
C ARG A 69 6.35 -11.01 7.61
N TYR A 70 7.25 -10.03 7.59
CA TYR A 70 7.38 -9.09 6.48
C TYR A 70 7.59 -9.84 5.16
N LEU A 71 8.56 -10.76 5.16
CA LEU A 71 8.89 -11.55 3.97
C LEU A 71 7.77 -12.47 3.51
N THR A 72 6.93 -12.93 4.43
CA THR A 72 5.83 -13.83 4.04
C THR A 72 4.55 -13.09 3.63
N LYS A 73 4.51 -11.77 3.87
CA LYS A 73 3.35 -10.92 3.55
C LYS A 73 2.93 -11.12 2.11
N ASN A 74 1.64 -11.33 1.91
CA ASN A 74 1.04 -11.52 0.58
C ASN A 74 1.43 -12.84 -0.11
N THR A 75 1.84 -13.83 0.68
CA THR A 75 2.17 -15.13 0.12
C THR A 75 1.40 -16.20 0.87
N ASP A 76 1.39 -17.40 0.33
CA ASP A 76 0.70 -18.52 0.97
C ASP A 76 1.38 -18.97 2.27
N LEU A 77 2.63 -18.58 2.51
CA LEU A 77 3.31 -18.96 3.76
C LEU A 77 2.76 -18.27 5.00
N ALA A 78 2.10 -17.13 4.79
CA ALA A 78 1.58 -16.33 5.89
C ALA A 78 0.30 -16.91 6.49
N GLY A 79 -0.39 -17.73 5.71
CA GLY A 79 -1.70 -18.21 6.09
C GLY A 79 -2.54 -17.55 5.02
N ASN A 80 -3.53 -18.26 4.53
CA ASN A 80 -4.30 -17.78 3.39
C ASN A 80 -5.42 -16.77 3.66
N THR A 81 -5.93 -16.77 4.88
CA THR A 81 -6.98 -15.86 5.31
C THR A 81 -6.54 -15.19 6.61
N GLU A 82 -7.11 -14.03 6.93
CA GLU A 82 -6.76 -13.30 8.16
C GLU A 82 -6.79 -14.18 9.43
N MET A 83 -7.85 -14.96 9.62
CA MET A 83 -7.97 -15.79 10.81
C MET A 83 -6.93 -16.93 10.86
N GLU A 84 -6.59 -17.48 9.71
CA GLU A 84 -5.54 -18.50 9.63
C GLU A 84 -4.17 -17.84 9.82
N GLN A 85 -4.09 -16.56 9.48
CA GLN A 85 -2.87 -15.82 9.71
C GLN A 85 -2.69 -15.64 11.22
N CYS A 86 -3.79 -15.42 11.94
CA CYS A 86 -3.75 -15.25 13.38
C CYS A 86 -3.17 -16.53 14.00
N HIS A 87 -3.65 -17.69 13.56
CA HIS A 87 -3.16 -18.98 14.06
C HIS A 87 -1.70 -19.25 13.73
N VAL A 88 -1.27 -18.90 12.52
CA VAL A 88 0.14 -19.07 12.14
C VAL A 88 0.98 -18.24 13.13
N ASP A 89 0.59 -16.98 13.32
CA ASP A 89 1.28 -16.08 14.25
C ASP A 89 1.28 -16.60 15.68
N ALA A 90 0.16 -17.20 16.10
CA ALA A 90 0.04 -17.69 17.48
C ALA A 90 0.93 -18.89 17.76
N ILE A 91 1.03 -19.79 16.78
CA ILE A 91 1.89 -20.97 16.91
C ILE A 91 3.37 -20.55 16.96
N VAL A 92 3.73 -19.61 16.09
CA VAL A 92 5.11 -19.09 16.06
C VAL A 92 5.44 -18.53 17.43
N ASP A 93 4.53 -17.70 17.95
CA ASP A 93 4.70 -17.09 19.27
C ASP A 93 4.82 -18.12 20.41
N THR A 94 4.01 -19.18 20.34
CA THR A 94 4.02 -20.23 21.34
C THR A 94 5.40 -20.91 21.36
N LEU A 95 5.89 -21.25 20.17
CA LEU A 95 7.23 -21.84 20.01
C LEU A 95 8.35 -20.91 20.48
N ASP A 96 8.27 -19.63 20.12
CA ASP A 96 9.29 -18.65 20.51
C ASP A 96 9.30 -18.46 22.04
N ASP A 97 8.11 -18.40 22.66
CA ASP A 97 7.98 -18.28 24.12
C ASP A 97 8.76 -19.41 24.78
N PHE A 98 8.57 -20.62 24.27
CA PHE A 98 9.28 -21.77 24.83
C PHE A 98 10.80 -21.73 24.64
N MET A 99 11.25 -21.43 23.42
CA MET A 99 12.69 -21.37 23.15
C MET A 99 13.36 -20.31 24.03
N SER A 100 12.63 -19.25 24.36
CA SER A 100 13.18 -18.15 25.18
C SER A 100 13.44 -18.53 26.65
N CYS A 101 12.89 -19.67 27.07
CA CYS A 101 13.11 -20.16 28.44
C CYS A 101 14.52 -20.70 28.64
N PHE A 102 15.18 -21.06 27.55
CA PHE A 102 16.50 -21.68 27.61
C PHE A 102 17.62 -20.69 27.81
N PRO A 103 18.49 -20.96 28.80
CA PRO A 103 19.63 -20.10 29.08
C PRO A 103 20.69 -20.29 28.00
N TRP A 104 20.44 -19.73 26.81
CA TRP A 104 21.37 -19.91 25.70
C TRP A 104 22.76 -19.33 25.99
N ALA A 105 22.79 -18.26 26.78
CA ALA A 105 24.02 -17.55 27.09
C ALA A 105 24.63 -17.86 28.46
N GLU A 106 24.15 -18.93 29.10
CA GLU A 106 24.64 -19.34 30.42
C GLU A 106 26.08 -19.85 30.32
N LYS A 107 26.96 -19.24 31.08
CA LYS A 107 28.38 -19.59 31.04
C LYS A 107 28.77 -20.66 32.06
N LYS A 108 27.93 -20.93 33.03
CA LYS A 108 28.24 -22.00 33.97
C LYS A 108 27.59 -23.25 33.42
N GLN A 109 28.44 -24.18 32.97
CA GLN A 109 28.05 -25.41 32.29
C GLN A 109 27.11 -26.31 33.06
N ASP A 110 27.25 -26.36 34.39
CA ASP A 110 26.38 -27.19 35.21
C ASP A 110 25.00 -26.56 35.34
N VAL A 111 24.92 -25.24 35.46
CA VAL A 111 23.63 -24.56 35.57
C VAL A 111 22.90 -24.72 34.25
N LYS A 112 23.64 -24.57 33.14
CA LYS A 112 23.09 -24.70 31.81
C LYS A 112 22.61 -26.13 31.58
N GLU A 113 23.39 -27.11 32.03
CA GLU A 113 22.99 -28.51 31.89
C GLU A 113 21.71 -28.79 32.68
N GLN A 114 21.67 -28.31 33.93
CA GLN A 114 20.52 -28.51 34.81
C GLN A 114 19.25 -27.83 34.31
N MET A 115 19.35 -26.58 33.88
CA MET A 115 18.18 -25.84 33.39
C MET A 115 17.61 -26.47 32.12
N PHE A 116 18.50 -26.84 31.20
CA PHE A 116 18.10 -27.52 29.96
C PHE A 116 17.37 -28.81 30.26
N ASN A 117 17.96 -29.63 31.13
CA ASN A 117 17.36 -30.91 31.50
C ASN A 117 16.00 -30.74 32.16
N GLU A 118 15.88 -29.72 33.00
CA GLU A 118 14.62 -29.40 33.65
C GLU A 118 13.58 -29.01 32.61
N LEU A 119 13.96 -28.10 31.71
CA LEU A 119 13.08 -27.62 30.64
C LEU A 119 12.68 -28.73 29.67
N LEU A 120 13.59 -29.68 29.46
CA LEU A 120 13.36 -30.79 28.55
C LEU A 120 12.64 -31.97 29.22
N THR A 121 12.57 -31.96 30.56
CA THR A 121 11.90 -33.00 31.35
C THR A 121 10.45 -32.64 31.67
N TYR A 122 10.22 -31.38 32.01
CA TYR A 122 8.90 -30.93 32.35
C TYR A 122 8.22 -30.13 31.25
N ASN A 123 8.72 -28.92 30.99
CA ASN A 123 8.08 -28.02 30.05
C ASN A 123 8.00 -28.54 28.60
N ALA A 124 9.08 -29.12 28.10
CA ALA A 124 9.06 -29.60 26.70
C ALA A 124 8.01 -30.68 26.45
N PRO A 125 8.02 -31.77 27.26
CA PRO A 125 6.99 -32.80 27.10
C PRO A 125 5.58 -32.24 27.19
N HIS A 126 5.37 -31.20 28.01
CA HIS A 126 4.06 -30.59 28.14
C HIS A 126 3.64 -29.88 26.87
N LEU A 127 4.57 -29.11 26.31
CA LEU A 127 4.33 -28.39 25.07
C LEU A 127 4.11 -29.31 23.88
N MET A 128 4.93 -30.36 23.79
CA MET A 128 4.84 -31.36 22.73
C MET A 128 3.45 -31.99 22.73
N GLN A 129 2.89 -32.25 23.91
CA GLN A 129 1.54 -32.85 23.98
C GLN A 129 0.51 -31.87 23.46
N ASP A 130 0.66 -30.60 23.85
CA ASP A 130 -0.20 -29.53 23.37
C ASP A 130 -0.15 -29.36 21.84
N LEU A 131 1.06 -29.36 21.28
CA LEU A 131 1.27 -29.20 19.82
C LEU A 131 0.77 -30.41 19.05
N ASP A 132 0.97 -31.58 19.63
CA ASP A 132 0.57 -32.83 19.03
C ASP A 132 -0.96 -32.86 18.93
N THR A 133 -1.67 -32.55 20.01
CA THR A 133 -3.14 -32.51 19.96
C THR A 133 -3.66 -31.34 19.11
N TYR A 134 -2.89 -30.25 19.00
CA TYR A 134 -3.26 -29.12 18.15
C TYR A 134 -3.12 -29.48 16.67
N LEU A 135 -2.02 -30.16 16.32
CA LEU A 135 -1.81 -30.60 14.94
C LEU A 135 -2.84 -31.66 14.56
N GLY A 136 -3.14 -32.58 15.50
CA GLY A 136 -4.10 -33.68 15.24
C GLY A 136 -3.54 -34.57 14.13
N GLY A 137 -4.42 -35.12 13.31
CA GLY A 137 -3.97 -35.97 12.21
C GLY A 137 -3.91 -35.15 10.94
N ARG A 138 -3.79 -33.84 11.08
CA ARG A 138 -3.77 -32.93 9.94
C ARG A 138 -2.39 -32.86 9.32
N GLU A 139 -2.34 -32.49 8.04
CA GLU A 139 -1.09 -32.38 7.30
C GLU A 139 -0.12 -31.32 7.83
N TRP A 140 -0.65 -30.12 8.04
CA TRP A 140 0.15 -28.99 8.49
C TRP A 140 -0.48 -28.35 9.73
N LEU A 141 0.29 -27.52 10.43
CA LEU A 141 -0.19 -26.86 11.65
C LEU A 141 -1.40 -25.96 11.41
N ILE A 142 -1.39 -25.19 10.33
CA ILE A 142 -2.50 -24.30 10.01
C ILE A 142 -2.99 -24.54 8.59
N GLY A 143 -4.30 -24.68 8.42
CA GLY A 143 -4.89 -24.89 7.08
C GLY A 143 -4.49 -26.19 6.41
N ASN A 144 -4.41 -26.17 5.09
CA ASN A 144 -4.07 -27.37 4.35
C ASN A 144 -2.82 -27.28 3.48
N SER A 145 -2.03 -26.24 3.74
CA SER A 145 -0.76 -26.03 3.04
C SER A 145 0.27 -25.48 4.03
N VAL A 146 1.54 -25.65 3.70
CA VAL A 146 2.64 -25.23 4.58
C VAL A 146 2.65 -23.72 4.88
N THR A 147 3.03 -23.37 6.11
CA THR A 147 3.18 -21.97 6.49
C THR A 147 4.52 -21.83 7.21
N TRP A 148 4.92 -20.61 7.56
CA TRP A 148 6.20 -20.45 8.25
C TRP A 148 6.14 -20.91 9.70
N ALA A 149 4.93 -21.20 10.19
CA ALA A 149 4.74 -21.83 11.50
C ALA A 149 5.30 -23.27 11.47
N ASP A 150 5.09 -23.99 10.37
CA ASP A 150 5.62 -25.35 10.19
C ASP A 150 7.16 -25.29 10.09
N PHE A 151 7.64 -24.26 9.40
CA PHE A 151 9.09 -24.00 9.24
C PHE A 151 9.67 -23.79 10.65
N TYR A 152 9.00 -22.98 11.45
CA TYR A 152 9.49 -22.61 12.79
C TYR A 152 9.50 -23.81 13.72
N TRP A 153 8.51 -24.69 13.57
CA TRP A 153 8.49 -25.93 14.36
C TRP A 153 9.71 -26.80 14.04
N GLU A 154 9.97 -27.01 12.75
CA GLU A 154 11.11 -27.82 12.29
C GLU A 154 12.45 -27.24 12.78
N ILE A 155 12.57 -25.92 12.68
CA ILE A 155 13.75 -25.18 13.12
C ILE A 155 13.97 -25.30 14.63
N CYS A 156 12.94 -24.99 15.42
CA CYS A 156 13.03 -25.04 16.88
C CYS A 156 13.32 -26.45 17.38
N SER A 157 12.59 -27.42 16.82
CA SER A 157 12.76 -28.80 17.21
C SER A 157 14.14 -29.35 16.84
N THR A 158 14.67 -28.95 15.68
CA THR A 158 16.03 -29.34 15.26
C THR A 158 17.06 -28.97 16.34
N THR A 159 16.94 -27.78 16.90
CA THR A 159 17.85 -27.35 17.95
C THR A 159 17.62 -28.08 19.28
N LEU A 160 16.36 -28.33 19.63
CA LEU A 160 16.04 -29.09 20.84
C LEU A 160 16.55 -30.55 20.72
N LEU A 161 16.45 -31.13 19.53
CA LEU A 161 16.92 -32.53 19.29
C LEU A 161 18.42 -32.70 19.49
N VAL A 162 19.17 -31.60 19.42
CA VAL A 162 20.60 -31.61 19.69
C VAL A 162 20.85 -31.94 21.21
N PHE A 163 19.94 -31.49 22.08
CA PHE A 163 20.08 -31.66 23.54
C PHE A 163 19.22 -32.79 24.15
N LYS A 164 18.15 -33.16 23.46
CA LYS A 164 17.28 -34.24 23.89
C LYS A 164 16.94 -35.02 22.61
N PRO A 165 17.87 -35.87 22.16
CA PRO A 165 17.66 -36.67 20.94
C PRO A 165 16.38 -37.51 20.90
N ASP A 166 15.82 -37.86 22.06
CA ASP A 166 14.60 -38.66 22.11
C ASP A 166 13.34 -37.86 22.38
N LEU A 167 13.46 -36.53 22.35
CA LEU A 167 12.34 -35.61 22.64
C LEU A 167 11.05 -35.96 21.92
N LEU A 168 11.16 -36.42 20.68
CA LEU A 168 9.96 -36.72 19.92
C LEU A 168 9.69 -38.20 19.73
N ASP A 169 10.35 -39.05 20.52
CA ASP A 169 10.16 -40.50 20.39
C ASP A 169 8.73 -40.97 20.65
N ASN A 170 7.97 -40.18 21.40
CA ASN A 170 6.57 -40.48 21.69
C ASN A 170 5.60 -39.63 20.86
N HIS A 171 6.15 -38.82 19.94
CA HIS A 171 5.34 -37.96 19.08
C HIS A 171 5.58 -38.14 17.58
N PRO A 172 5.24 -39.32 17.02
CA PRO A 172 5.44 -39.59 15.59
C PRO A 172 4.80 -38.56 14.66
N ARG A 173 3.69 -37.95 15.08
CA ARG A 173 3.03 -36.93 14.27
C ARG A 173 3.87 -35.64 14.17
N LEU A 174 4.65 -35.32 15.20
CA LEU A 174 5.52 -34.14 15.17
C LEU A 174 6.80 -34.42 14.38
N VAL A 175 7.25 -35.68 14.41
CA VAL A 175 8.38 -36.13 13.58
C VAL A 175 7.94 -36.06 12.11
N THR A 176 6.76 -36.59 11.82
CA THR A 176 6.22 -36.56 10.46
C THR A 176 6.15 -35.11 9.94
N LEU A 177 5.68 -34.17 10.76
CA LEU A 177 5.65 -32.76 10.36
C LEU A 177 7.06 -32.22 10.04
N ARG A 178 8.04 -32.59 10.86
CA ARG A 178 9.44 -32.22 10.60
C ARG A 178 9.90 -32.76 9.24
N LYS A 179 9.55 -34.01 8.95
CA LYS A 179 9.90 -34.65 7.68
C LYS A 179 9.26 -33.97 6.46
N LYS A 180 7.98 -33.58 6.59
CA LYS A 180 7.26 -32.92 5.50
C LYS A 180 7.89 -31.59 5.19
N VAL A 181 8.28 -30.85 6.24
CA VAL A 181 8.95 -29.57 6.03
C VAL A 181 10.31 -29.72 5.37
N GLN A 182 11.12 -30.65 5.88
CA GLN A 182 12.46 -30.90 5.36
C GLN A 182 12.47 -31.33 3.91
N ALA A 183 11.41 -32.00 3.51
CA ALA A 183 11.28 -32.56 2.16
C ALA A 183 10.79 -31.61 1.09
N ILE A 184 10.34 -30.41 1.48
CA ILE A 184 9.95 -29.39 0.50
C ILE A 184 11.27 -29.13 -0.25
N PRO A 185 11.25 -29.22 -1.60
CA PRO A 185 12.50 -29.13 -2.36
C PRO A 185 13.40 -27.94 -2.05
N ALA A 186 12.82 -26.76 -1.90
CA ALA A 186 13.63 -25.58 -1.61
C ALA A 186 14.26 -25.70 -0.24
N VAL A 187 13.55 -26.37 0.67
CA VAL A 187 14.03 -26.56 2.03
C VAL A 187 15.10 -27.65 2.09
N ALA A 188 14.87 -28.75 1.39
CA ALA A 188 15.82 -29.86 1.29
C ALA A 188 17.15 -29.38 0.72
N ASN A 189 17.07 -28.53 -0.30
CA ASN A 189 18.23 -27.94 -0.94
C ASN A 189 19.03 -27.12 0.07
N TRP A 190 18.34 -26.21 0.75
CA TRP A 190 18.96 -25.34 1.77
C TRP A 190 19.65 -26.12 2.89
N ILE A 191 18.93 -27.07 3.50
CA ILE A 191 19.47 -27.92 4.57
C ILE A 191 20.79 -28.60 4.21
N LYS A 192 20.91 -28.99 2.94
CA LYS A 192 22.11 -29.67 2.43
C LYS A 192 23.32 -28.74 2.23
N ARG A 193 23.07 -27.51 1.81
CA ARG A 193 24.18 -26.56 1.58
C ARG A 193 24.47 -25.54 2.69
N ARG A 194 23.59 -25.45 3.68
CA ARG A 194 23.84 -24.49 4.76
C ARG A 194 25.08 -24.87 5.56
N PRO A 195 25.81 -23.87 6.08
CA PRO A 195 26.96 -24.20 6.92
C PRO A 195 26.53 -25.08 8.09
N GLN A 196 27.36 -26.08 8.42
CA GLN A 196 27.07 -26.97 9.53
C GLN A 196 27.51 -26.30 10.84
N THR A 197 26.56 -26.07 11.74
CA THR A 197 26.84 -25.49 13.06
C THR A 197 26.08 -26.27 14.11
N LYS A 198 26.52 -26.22 15.38
CA LYS A 198 25.77 -26.93 16.41
C LYS A 198 24.39 -26.32 16.61
N LEU A 199 24.33 -25.00 16.63
CA LEU A 199 23.08 -24.28 16.87
C LEU A 199 22.63 -23.37 15.74
N PRO B 2 -18.87 -9.66 14.16
CA PRO B 2 -18.72 -10.89 14.94
C PRO B 2 -18.91 -10.63 16.44
N ASN B 3 -19.14 -11.71 17.20
CA ASN B 3 -19.32 -11.61 18.63
C ASN B 3 -17.99 -11.90 19.36
N TYR B 4 -17.49 -10.92 20.11
CA TYR B 4 -16.19 -11.05 20.79
C TYR B 4 -16.23 -11.26 22.31
N LYS B 5 -15.45 -12.22 22.79
CA LYS B 5 -15.28 -12.48 24.20
C LYS B 5 -13.80 -12.63 24.57
N LEU B 6 -13.27 -11.63 25.26
CA LEU B 6 -11.90 -11.64 25.72
C LEU B 6 -11.82 -12.25 27.13
N THR B 7 -10.98 -13.27 27.33
CA THR B 7 -10.82 -13.84 28.68
C THR B 7 -9.39 -13.62 29.17
N TYR B 8 -9.24 -13.02 30.35
CA TYR B 8 -7.93 -12.79 30.95
C TYR B 8 -8.10 -12.60 32.46
N PHE B 9 -7.01 -12.29 33.16
CA PHE B 9 -7.10 -11.99 34.59
C PHE B 9 -7.64 -10.57 34.77
N ASN B 10 -8.01 -10.21 36.00
CA ASN B 10 -8.43 -8.84 36.28
C ASN B 10 -7.18 -7.98 36.35
N MET B 11 -6.62 -7.70 35.17
CA MET B 11 -5.38 -6.95 35.05
C MET B 11 -5.29 -6.36 33.68
N ARG B 12 -4.45 -5.33 33.54
CA ARG B 12 -4.18 -4.78 32.22
C ARG B 12 -3.35 -5.88 31.55
N GLY B 13 -2.17 -6.13 32.10
CA GLY B 13 -1.29 -7.20 31.62
C GLY B 13 -1.24 -7.35 30.11
N ARG B 14 -1.30 -8.59 29.66
CA ARG B 14 -1.17 -8.91 28.24
C ARG B 14 -2.42 -8.74 27.41
N ALA B 15 -3.55 -8.45 28.06
CA ALA B 15 -4.82 -8.27 27.34
C ALA B 15 -5.09 -6.83 26.98
N GLU B 16 -4.46 -5.92 27.71
CA GLU B 16 -4.64 -4.48 27.53
C GLU B 16 -4.44 -4.03 26.07
N ILE B 17 -3.45 -4.59 25.37
CA ILE B 17 -3.27 -4.19 23.96
C ILE B 17 -4.56 -4.44 23.17
N ILE B 18 -5.16 -5.61 23.37
CA ILE B 18 -6.40 -5.98 22.71
C ILE B 18 -7.53 -5.02 23.11
N ARG B 19 -7.58 -4.68 24.39
CA ARG B 19 -8.58 -3.76 24.94
C ARG B 19 -8.45 -2.33 24.36
N TYR B 20 -7.22 -1.86 24.10
CA TYR B 20 -7.02 -0.52 23.49
C TYR B 20 -7.48 -0.56 22.04
N ILE B 21 -7.16 -1.66 21.34
CA ILE B 21 -7.55 -1.84 19.94
C ILE B 21 -9.08 -1.86 19.81
N PHE B 22 -9.75 -2.63 20.67
CA PHE B 22 -11.21 -2.67 20.65
C PHE B 22 -11.80 -1.27 20.89
N ALA B 23 -11.24 -0.56 21.88
CA ALA B 23 -11.69 0.80 22.22
C ALA B 23 -11.53 1.79 21.05
N TYR B 24 -10.31 1.85 20.51
CA TYR B 24 -10.01 2.72 19.38
C TYR B 24 -10.83 2.43 18.12
N LEU B 25 -11.11 1.15 17.88
CA LEU B 25 -11.90 0.73 16.71
C LEU B 25 -13.41 0.72 16.98
N ASP B 26 -13.79 1.15 18.18
CA ASP B 26 -15.18 1.24 18.61
C ASP B 26 -15.93 -0.07 18.35
N ILE B 27 -15.30 -1.18 18.75
CA ILE B 27 -15.88 -2.52 18.62
C ILE B 27 -16.35 -2.99 19.99
N GLN B 28 -17.57 -3.51 20.05
CA GLN B 28 -18.13 -4.01 21.31
C GLN B 28 -17.68 -5.45 21.57
N TYR B 29 -17.39 -5.73 22.84
CA TYR B 29 -16.93 -7.05 23.25
C TYR B 29 -17.19 -7.28 24.73
N GLU B 30 -17.15 -8.55 25.13
CA GLU B 30 -17.29 -8.91 26.54
C GLU B 30 -15.88 -9.04 27.16
N ASP B 31 -15.60 -8.17 28.12
CA ASP B 31 -14.33 -8.11 28.82
C ASP B 31 -14.35 -9.07 30.03
N HIS B 32 -14.17 -10.37 29.74
CA HIS B 32 -14.22 -11.38 30.80
C HIS B 32 -12.93 -11.51 31.62
N ARG B 33 -13.02 -11.16 32.91
CA ARG B 33 -11.89 -11.20 33.85
C ARG B 33 -12.09 -12.31 34.90
N ILE B 34 -11.08 -13.16 35.04
CA ILE B 34 -11.16 -14.31 35.94
C ILE B 34 -10.39 -14.14 37.24
N GLU B 35 -10.83 -14.86 38.28
CA GLU B 35 -10.12 -14.86 39.55
C GLU B 35 -9.06 -15.94 39.47
N GLN B 36 -7.93 -15.73 40.13
CA GLN B 36 -6.82 -16.69 40.17
C GLN B 36 -7.26 -18.11 40.50
N ALA B 37 -8.14 -18.26 41.50
CA ALA B 37 -8.60 -19.59 41.93
C ALA B 37 -9.31 -20.41 40.84
N ASP B 38 -9.91 -19.71 39.89
CA ASP B 38 -10.60 -20.39 38.79
C ASP B 38 -9.73 -20.61 37.56
N TRP B 39 -8.50 -20.13 37.62
CA TRP B 39 -7.55 -20.26 36.52
C TRP B 39 -7.19 -21.73 36.24
N PRO B 40 -6.78 -22.50 37.27
CA PRO B 40 -6.51 -23.92 37.03
C PRO B 40 -7.58 -24.66 36.22
N GLU B 41 -8.86 -24.45 36.52
CA GLU B 41 -9.97 -25.10 35.79
C GLU B 41 -10.00 -24.65 34.33
N ILE B 42 -9.94 -23.34 34.12
CA ILE B 42 -9.97 -22.76 32.79
C ILE B 42 -8.74 -23.18 31.96
N LYS B 43 -7.57 -23.09 32.58
CA LYS B 43 -6.31 -23.47 31.94
C LYS B 43 -6.37 -24.88 31.36
N SER B 44 -6.92 -25.82 32.14
CA SER B 44 -7.01 -27.21 31.71
C SER B 44 -7.87 -27.45 30.46
N THR B 45 -8.70 -26.46 30.08
CA THR B 45 -9.54 -26.58 28.89
C THR B 45 -8.95 -25.87 27.68
N LEU B 46 -7.81 -25.21 27.86
CA LEU B 46 -7.20 -24.48 26.73
C LEU B 46 -6.15 -25.29 25.99
N PRO B 47 -6.18 -25.26 24.65
CA PRO B 47 -5.14 -25.91 23.84
C PRO B 47 -3.71 -25.64 24.35
N PHE B 48 -3.35 -24.39 24.62
CA PHE B 48 -1.99 -24.09 25.07
C PHE B 48 -1.85 -23.62 26.53
N GLY B 49 -2.97 -23.61 27.24
CA GLY B 49 -2.98 -23.28 28.67
C GLY B 49 -2.48 -21.92 29.09
N LYS B 50 -2.72 -20.91 28.26
CA LYS B 50 -2.34 -19.54 28.57
C LYS B 50 -3.42 -18.54 28.16
N ILE B 51 -3.39 -17.39 28.82
CA ILE B 51 -4.27 -16.28 28.56
C ILE B 51 -3.44 -15.01 28.32
N PRO B 52 -3.99 -14.04 27.58
CA PRO B 52 -5.37 -13.99 27.07
C PRO B 52 -5.77 -14.90 25.91
N ILE B 53 -7.08 -15.09 25.80
CA ILE B 53 -7.65 -15.75 24.64
C ILE B 53 -8.77 -14.84 24.14
N LEU B 54 -9.11 -14.94 22.87
CA LEU B 54 -10.23 -14.19 22.34
C LEU B 54 -11.10 -15.12 21.54
N GLU B 55 -12.36 -15.23 21.96
CA GLU B 55 -13.34 -16.03 21.25
C GLU B 55 -14.07 -15.13 20.28
N VAL B 56 -14.13 -15.59 19.03
CA VAL B 56 -14.77 -14.87 17.92
C VAL B 56 -15.76 -15.86 17.33
N ASP B 57 -17.05 -15.66 17.64
CA ASP B 57 -18.13 -16.55 17.20
C ASP B 57 -17.87 -18.02 17.51
N GLY B 58 -17.44 -18.29 18.73
CA GLY B 58 -17.17 -19.66 19.15
C GLY B 58 -15.82 -20.21 18.75
N LEU B 59 -15.03 -19.43 18.02
CA LEU B 59 -13.69 -19.89 17.64
C LEU B 59 -12.69 -19.23 18.56
N THR B 60 -11.85 -20.03 19.19
CA THR B 60 -10.87 -19.55 20.15
C THR B 60 -9.54 -19.19 19.50
N LEU B 61 -9.10 -17.97 19.75
CA LEU B 61 -7.82 -17.46 19.26
C LEU B 61 -6.95 -17.24 20.50
N HIS B 62 -5.65 -17.45 20.37
CA HIS B 62 -4.70 -17.23 21.50
C HIS B 62 -3.46 -16.44 21.07
N GLN B 63 -2.60 -16.09 22.05
CA GLN B 63 -1.41 -15.25 21.87
C GLN B 63 -1.78 -13.79 21.67
N SER B 64 -1.56 -12.98 22.70
CA SER B 64 -1.97 -11.57 22.69
C SER B 64 -1.54 -10.71 21.48
N LEU B 65 -0.30 -10.87 21.02
CA LEU B 65 0.20 -10.08 19.88
C LEU B 65 -0.33 -10.61 18.58
N ALA B 66 -0.55 -11.91 18.52
CA ALA B 66 -1.11 -12.53 17.33
C ALA B 66 -2.56 -12.03 17.17
N ILE B 67 -3.24 -11.86 18.29
CA ILE B 67 -4.62 -11.36 18.28
C ILE B 67 -4.62 -9.88 17.91
N ALA B 68 -3.73 -9.12 18.53
CA ALA B 68 -3.62 -7.70 18.20
C ALA B 68 -3.35 -7.47 16.70
N ARG B 69 -2.51 -8.30 16.08
CA ARG B 69 -2.23 -8.12 14.64
C ARG B 69 -3.44 -8.47 13.79
N TYR B 70 -4.19 -9.49 14.23
CA TYR B 70 -5.41 -9.94 13.56
C TYR B 70 -6.42 -8.78 13.51
N LEU B 71 -6.65 -8.16 14.67
CA LEU B 71 -7.61 -7.06 14.79
C LEU B 71 -7.19 -5.74 14.11
N THR B 72 -5.89 -5.51 13.99
CA THR B 72 -5.37 -4.25 13.43
C THR B 72 -5.08 -4.32 11.92
N LYS B 73 -5.14 -5.53 11.37
CA LYS B 73 -4.88 -5.76 9.95
C LYS B 73 -5.92 -5.03 9.12
N ASN B 74 -5.45 -4.26 8.14
CA ASN B 74 -6.35 -3.48 7.29
C ASN B 74 -7.16 -2.40 8.03
N THR B 75 -6.52 -1.77 9.03
CA THR B 75 -7.11 -0.63 9.74
C THR B 75 -6.01 0.42 9.79
N ASP B 76 -6.35 1.63 10.20
CA ASP B 76 -5.36 2.71 10.26
C ASP B 76 -4.33 2.48 11.40
N LEU B 77 -4.52 1.43 12.19
CA LEU B 77 -3.57 1.12 13.28
C LEU B 77 -2.39 0.25 12.84
N ALA B 78 -2.49 -0.33 11.66
CA ALA B 78 -1.40 -1.11 11.09
C ALA B 78 -0.45 -0.10 10.43
N GLY B 79 0.74 -0.53 10.02
CA GLY B 79 1.65 0.37 9.34
C GLY B 79 1.08 0.72 7.97
N ASN B 80 1.44 1.89 7.46
CA ASN B 80 0.95 2.38 6.17
C ASN B 80 1.53 1.70 4.92
N THR B 81 2.59 0.91 5.12
CA THR B 81 3.23 0.12 4.06
C THR B 81 3.72 -1.21 4.63
N GLU B 82 4.18 -2.10 3.74
CA GLU B 82 4.72 -3.40 4.15
C GLU B 82 5.92 -3.18 5.09
N MET B 83 6.79 -2.26 4.73
CA MET B 83 7.96 -2.03 5.56
C MET B 83 7.59 -1.36 6.88
N GLU B 84 6.59 -0.46 6.87
CA GLU B 84 6.14 0.17 8.10
C GLU B 84 5.55 -0.88 9.04
N GLN B 85 4.79 -1.81 8.46
CA GLN B 85 4.21 -2.95 9.19
C GLN B 85 5.32 -3.71 9.87
N CYS B 86 6.43 -3.88 9.16
CA CYS B 86 7.59 -4.57 9.72
C CYS B 86 8.13 -3.82 10.94
N HIS B 87 8.23 -2.49 10.86
CA HIS B 87 8.72 -1.69 11.99
C HIS B 87 7.74 -1.70 13.18
N VAL B 88 6.44 -1.71 12.87
CA VAL B 88 5.41 -1.81 13.91
C VAL B 88 5.66 -3.11 14.70
N ASP B 89 5.76 -4.23 14.00
CA ASP B 89 5.96 -5.54 14.62
C ASP B 89 7.29 -5.64 15.39
N ALA B 90 8.33 -5.00 14.87
CA ALA B 90 9.66 -5.05 15.54
C ALA B 90 9.68 -4.24 16.84
N ILE B 91 9.02 -3.09 16.85
CA ILE B 91 9.00 -2.24 18.06
C ILE B 91 8.19 -2.97 19.11
N VAL B 92 7.06 -3.53 18.68
CA VAL B 92 6.25 -4.35 19.58
C VAL B 92 7.05 -5.51 20.16
N ASP B 93 7.75 -6.25 19.29
CA ASP B 93 8.57 -7.38 19.70
C ASP B 93 9.69 -6.97 20.64
N THR B 94 10.24 -5.77 20.42
CA THR B 94 11.34 -5.27 21.27
C THR B 94 10.78 -4.99 22.66
N LEU B 95 9.58 -4.40 22.69
CA LEU B 95 8.89 -4.13 23.95
C LEU B 95 8.50 -5.42 24.64
N ASP B 96 7.97 -6.36 23.88
CA ASP B 96 7.55 -7.66 24.42
C ASP B 96 8.71 -8.47 24.97
N ASP B 97 9.84 -8.46 24.27
CA ASP B 97 11.04 -9.18 24.72
C ASP B 97 11.46 -8.72 26.11
N PHE B 98 11.33 -7.42 26.38
CA PHE B 98 11.68 -6.91 27.70
C PHE B 98 10.65 -7.29 28.75
N MET B 99 9.36 -7.01 28.49
CA MET B 99 8.30 -7.36 29.45
C MET B 99 8.27 -8.85 29.80
N SER B 100 8.57 -9.69 28.81
CA SER B 100 8.64 -11.14 28.99
C SER B 100 9.73 -11.61 29.94
N CYS B 101 10.73 -10.76 30.17
CA CYS B 101 11.83 -11.12 31.09
C CYS B 101 11.39 -11.16 32.55
N PHE B 102 10.36 -10.38 32.90
CA PHE B 102 9.89 -10.38 34.30
C PHE B 102 9.28 -11.73 34.70
N PRO B 103 9.65 -12.23 35.90
CA PRO B 103 9.10 -13.50 36.37
C PRO B 103 7.77 -13.21 37.06
N TRP B 104 6.77 -12.90 36.23
CA TRP B 104 5.42 -12.53 36.69
C TRP B 104 4.77 -13.55 37.61
N ALA B 105 5.06 -14.83 37.39
CA ALA B 105 4.45 -15.93 38.14
C ALA B 105 5.33 -16.52 39.26
N GLU B 106 6.47 -15.91 39.51
CA GLU B 106 7.39 -16.38 40.55
C GLU B 106 6.70 -16.47 41.92
N LYS B 107 6.81 -17.63 42.57
CA LYS B 107 6.21 -17.81 43.91
C LYS B 107 7.06 -17.31 45.09
N LYS B 108 8.38 -17.45 45.00
CA LYS B 108 9.28 -16.93 46.03
C LYS B 108 9.32 -15.41 45.88
N GLN B 109 8.78 -14.70 46.86
CA GLN B 109 8.69 -13.24 46.80
C GLN B 109 10.02 -12.51 46.77
N ASP B 110 11.00 -12.97 47.56
CA ASP B 110 12.30 -12.30 47.60
C ASP B 110 13.06 -12.47 46.29
N VAL B 111 12.94 -13.65 45.70
CA VAL B 111 13.57 -13.96 44.43
C VAL B 111 12.87 -13.16 43.31
N LYS B 112 11.57 -12.99 43.46
CA LYS B 112 10.75 -12.26 42.49
C LYS B 112 11.10 -10.78 42.47
N GLU B 113 11.06 -10.12 43.63
CA GLU B 113 11.35 -8.70 43.69
C GLU B 113 12.80 -8.35 43.34
N GLN B 114 13.73 -9.23 43.72
CA GLN B 114 15.14 -9.09 43.39
C GLN B 114 15.27 -9.08 41.85
N MET B 115 14.60 -10.03 41.20
CA MET B 115 14.60 -10.19 39.75
C MET B 115 14.02 -8.92 39.10
N PHE B 116 12.86 -8.48 39.63
CA PHE B 116 12.21 -7.25 39.19
C PHE B 116 13.15 -6.04 39.32
N ASN B 117 13.75 -5.89 40.51
CA ASN B 117 14.70 -4.80 40.77
C ASN B 117 15.82 -4.76 39.76
N GLU B 118 16.42 -5.91 39.52
CA GLU B 118 17.50 -6.05 38.54
C GLU B 118 17.09 -5.55 37.14
N LEU B 119 16.00 -6.10 36.61
CA LEU B 119 15.53 -5.72 35.26
C LEU B 119 15.18 -4.23 35.15
N LEU B 120 14.50 -3.74 36.17
CA LEU B 120 14.07 -2.34 36.21
C LEU B 120 15.24 -1.39 36.37
N THR B 121 16.18 -1.74 37.25
CA THR B 121 17.34 -0.90 37.50
C THR B 121 18.41 -1.04 36.42
N TYR B 122 18.68 -2.27 35.98
CA TYR B 122 19.79 -2.50 35.06
C TYR B 122 19.46 -2.55 33.56
N ASN B 123 18.23 -2.97 33.23
CA ASN B 123 17.84 -3.16 31.82
C ASN B 123 16.89 -2.11 31.22
N ALA B 124 15.90 -1.71 32.00
CA ALA B 124 14.90 -0.75 31.53
C ALA B 124 15.51 0.56 30.98
N PRO B 125 16.45 1.20 31.71
CA PRO B 125 17.04 2.45 31.19
C PRO B 125 17.65 2.37 29.79
N HIS B 126 18.19 1.20 29.40
CA HIS B 126 18.77 1.07 28.06
C HIS B 126 17.70 0.98 26.98
N LEU B 127 16.59 0.32 27.31
CA LEU B 127 15.44 0.25 26.39
C LEU B 127 14.90 1.65 26.11
N MET B 128 14.80 2.44 27.18
CA MET B 128 14.33 3.82 27.09
C MET B 128 15.24 4.62 26.18
N GLN B 129 16.54 4.44 26.32
CA GLN B 129 17.50 5.09 25.43
C GLN B 129 17.33 4.69 23.96
N ASP B 130 17.24 3.39 23.71
CA ASP B 130 17.10 2.89 22.35
C ASP B 130 15.79 3.40 21.75
N LEU B 131 14.72 3.34 22.55
CA LEU B 131 13.42 3.85 22.12
C LEU B 131 13.42 5.35 21.79
N ASP B 132 14.02 6.13 22.67
CA ASP B 132 14.11 7.58 22.52
C ASP B 132 14.88 7.92 21.23
N THR B 133 16.08 7.38 21.06
CA THR B 133 16.88 7.61 19.86
C THR B 133 16.12 7.20 18.58
N TYR B 134 15.51 6.02 18.63
CA TYR B 134 14.72 5.52 17.52
C TYR B 134 13.58 6.49 17.15
N LEU B 135 12.91 7.03 18.16
CA LEU B 135 11.77 7.94 17.93
C LEU B 135 12.22 9.15 17.12
N GLY B 136 13.44 9.60 17.38
CA GLY B 136 14.04 10.73 16.72
C GLY B 136 13.16 11.96 16.82
N GLY B 137 12.83 12.52 15.66
CA GLY B 137 11.99 13.70 15.62
C GLY B 137 10.59 13.39 15.11
N ARG B 138 10.19 12.13 15.12
CA ARG B 138 8.84 11.78 14.68
C ARG B 138 7.84 12.07 15.77
N GLU B 139 6.59 12.11 15.34
CA GLU B 139 5.45 12.35 16.18
C GLU B 139 5.05 10.99 16.77
N TRP B 140 5.24 9.94 15.99
CA TRP B 140 4.86 8.58 16.40
C TRP B 140 6.04 7.63 16.19
N LEU B 141 6.01 6.48 16.85
CA LEU B 141 7.10 5.50 16.71
C LEU B 141 7.29 5.07 15.26
N ILE B 142 6.18 4.84 14.54
CA ILE B 142 6.23 4.43 13.14
C ILE B 142 5.45 5.38 12.23
N GLY B 143 6.14 5.88 11.20
CA GLY B 143 5.55 6.76 10.19
C GLY B 143 4.97 8.08 10.67
N ASN B 144 3.88 8.49 10.01
CA ASN B 144 3.26 9.80 10.26
C ASN B 144 1.92 9.81 11.04
N SER B 145 1.48 8.64 11.49
CA SER B 145 0.26 8.53 12.31
C SER B 145 0.37 7.39 13.34
N VAL B 146 -0.60 7.34 14.25
CA VAL B 146 -0.63 6.35 15.32
C VAL B 146 -0.71 4.92 14.78
N THR B 147 -0.01 3.99 15.44
CA THR B 147 -0.09 2.57 15.15
C THR B 147 -0.28 1.86 16.50
N TRP B 148 -0.54 0.56 16.49
CA TRP B 148 -0.69 -0.17 17.75
C TRP B 148 0.64 -0.37 18.50
N ALA B 149 1.75 0.01 17.85
CA ALA B 149 3.06 -0.01 18.52
C ALA B 149 3.12 1.14 19.53
N ASP B 150 2.49 2.27 19.18
CA ASP B 150 2.39 3.42 20.06
C ASP B 150 1.54 3.03 21.26
N PHE B 151 0.46 2.30 21.00
CA PHE B 151 -0.42 1.79 22.05
C PHE B 151 0.39 0.84 22.94
N TYR B 152 1.17 -0.05 22.34
CA TYR B 152 1.97 -0.98 23.14
C TYR B 152 3.00 -0.27 24.01
N TRP B 153 3.63 0.77 23.49
CA TRP B 153 4.56 1.60 24.27
C TRP B 153 3.88 2.23 25.49
N GLU B 154 2.70 2.80 25.31
CA GLU B 154 2.01 3.47 26.41
C GLU B 154 1.62 2.44 27.48
N ILE B 155 1.14 1.28 27.03
CA ILE B 155 0.76 0.18 27.90
C ILE B 155 1.93 -0.37 28.72
N CYS B 156 3.00 -0.76 28.04
CA CYS B 156 4.19 -1.27 28.71
C CYS B 156 4.81 -0.26 29.67
N SER B 157 4.98 0.99 29.22
CA SER B 157 5.58 2.00 30.09
C SER B 157 4.74 2.34 31.33
N THR B 158 3.40 2.27 31.19
CA THR B 158 2.48 2.45 32.30
C THR B 158 2.88 1.51 33.44
N THR B 159 3.06 0.24 33.12
CA THR B 159 3.45 -0.77 34.13
C THR B 159 4.88 -0.57 34.65
N LEU B 160 5.81 -0.25 33.75
CA LEU B 160 7.18 -0.01 34.18
C LEU B 160 7.26 1.16 35.16
N LEU B 161 6.39 2.16 34.95
CA LEU B 161 6.31 3.36 35.80
C LEU B 161 5.69 3.10 37.18
N VAL B 162 4.87 2.06 37.29
CA VAL B 162 4.31 1.68 38.59
C VAL B 162 5.46 1.31 39.53
N PHE B 163 6.44 0.59 39.00
CA PHE B 163 7.59 0.12 39.77
C PHE B 163 8.78 1.08 39.79
N LYS B 164 8.86 1.95 38.79
CA LYS B 164 10.04 2.78 38.66
C LYS B 164 9.56 4.11 38.11
N PRO B 165 8.96 4.94 38.99
CA PRO B 165 8.36 6.22 38.60
C PRO B 165 9.29 7.22 37.93
N ASP B 166 10.60 7.11 38.17
CA ASP B 166 11.57 8.04 37.60
C ASP B 166 12.13 7.59 36.24
N LEU B 167 11.59 6.50 35.73
CA LEU B 167 12.03 5.89 34.48
C LEU B 167 12.20 6.82 33.28
N LEU B 168 11.30 7.80 33.16
CA LEU B 168 11.29 8.70 32.00
C LEU B 168 11.74 10.14 32.28
N ASP B 169 12.30 10.37 33.47
CA ASP B 169 12.76 11.69 33.86
C ASP B 169 13.71 12.34 32.87
N ASN B 170 14.53 11.52 32.23
CA ASN B 170 15.48 11.99 31.23
C ASN B 170 14.98 11.77 29.79
N HIS B 171 13.71 11.38 29.65
CA HIS B 171 13.11 11.11 28.34
C HIS B 171 11.80 11.85 28.05
N PRO B 172 11.83 13.20 28.04
CA PRO B 172 10.58 13.95 27.82
C PRO B 172 9.89 13.62 26.49
N ARG B 173 10.66 13.29 25.44
CA ARG B 173 10.07 12.92 24.15
C ARG B 173 9.21 11.65 24.23
N LEU B 174 9.61 10.72 25.11
CA LEU B 174 8.85 9.51 25.34
C LEU B 174 7.64 9.82 26.23
N VAL B 175 7.78 10.78 27.14
CA VAL B 175 6.65 11.20 27.98
C VAL B 175 5.60 11.85 27.07
N THR B 176 6.06 12.67 26.13
CA THR B 176 5.15 13.29 25.17
C THR B 176 4.41 12.23 24.35
N LEU B 177 5.10 11.17 23.92
CA LEU B 177 4.45 10.10 23.14
C LEU B 177 3.29 9.44 23.91
N ARG B 178 3.53 9.13 25.18
CA ARG B 178 2.53 8.54 26.06
C ARG B 178 1.29 9.42 26.17
N LYS B 179 1.51 10.72 26.37
CA LYS B 179 0.45 11.73 26.46
C LYS B 179 -0.39 11.82 25.21
N LYS B 180 0.27 11.74 24.04
CA LYS B 180 -0.42 11.78 22.75
C LYS B 180 -1.35 10.58 22.58
N VAL B 181 -0.91 9.41 23.03
CA VAL B 181 -1.75 8.22 22.98
C VAL B 181 -2.93 8.40 23.94
N GLN B 182 -2.63 8.88 25.13
CA GLN B 182 -3.65 9.09 26.17
C GLN B 182 -4.68 10.14 25.81
N ALA B 183 -4.24 11.11 25.00
CA ALA B 183 -5.11 12.17 24.53
C ALA B 183 -6.05 11.74 23.39
N ILE B 184 -5.81 10.57 22.77
CA ILE B 184 -6.72 10.07 21.72
C ILE B 184 -8.07 9.77 22.38
N PRO B 185 -9.15 10.49 21.97
CA PRO B 185 -10.47 10.35 22.59
C PRO B 185 -10.97 8.92 22.90
N ALA B 186 -10.78 7.96 22.00
CA ALA B 186 -11.25 6.58 22.28
C ALA B 186 -10.38 5.87 23.33
N VAL B 187 -9.09 6.20 23.34
CA VAL B 187 -8.16 5.60 24.30
C VAL B 187 -8.34 6.30 25.66
N ALA B 188 -8.53 7.62 25.62
CA ALA B 188 -8.77 8.41 26.81
C ALA B 188 -10.01 7.89 27.54
N ASN B 189 -11.08 7.64 26.78
CA ASN B 189 -12.31 7.09 27.35
C ASN B 189 -12.08 5.75 28.03
N TRP B 190 -11.33 4.87 27.37
CA TRP B 190 -11.02 3.56 27.94
C TRP B 190 -10.22 3.67 29.24
N ILE B 191 -9.13 4.44 29.22
CA ILE B 191 -8.27 4.64 30.39
C ILE B 191 -9.11 5.13 31.58
N LYS B 192 -10.08 5.98 31.28
CA LYS B 192 -10.99 6.55 32.25
C LYS B 192 -11.93 5.47 32.82
N ARG B 193 -12.42 4.60 31.93
CA ARG B 193 -13.40 3.55 32.25
C ARG B 193 -12.90 2.23 32.84
N ARG B 194 -11.64 1.90 32.56
CA ARG B 194 -11.11 0.60 32.94
C ARG B 194 -10.95 0.35 34.45
N PRO B 195 -11.19 -0.90 34.88
CA PRO B 195 -10.95 -1.26 36.28
C PRO B 195 -9.51 -0.87 36.59
N GLN B 196 -9.29 -0.24 37.73
CA GLN B 196 -7.95 0.19 38.09
C GLN B 196 -7.26 -0.93 38.87
N THR B 197 -6.19 -1.43 38.28
CA THR B 197 -5.43 -2.54 38.83
C THR B 197 -3.98 -2.13 38.92
N LYS B 198 -3.20 -2.77 39.78
CA LYS B 198 -1.79 -2.43 39.86
C LYS B 198 -1.13 -2.75 38.51
N LEU B 199 -1.43 -3.95 38.00
CA LEU B 199 -0.81 -4.48 36.78
C LEU B 199 -1.80 -4.70 35.64
N PRO C 2 9.91 9.64 -0.52
CA PRO C 2 9.37 10.98 -0.69
C PRO C 2 8.18 11.25 0.24
N ASN C 3 8.02 12.51 0.65
CA ASN C 3 6.96 12.87 1.59
C ASN C 3 5.62 13.08 0.89
N TYR C 4 5.19 12.05 0.16
CA TYR C 4 3.91 12.10 -0.55
C TYR C 4 2.72 12.41 0.36
N LYS C 5 1.96 13.42 -0.05
CA LYS C 5 0.73 13.77 0.63
C LYS C 5 -0.37 13.98 -0.40
N LEU C 6 -1.33 13.08 -0.40
CA LEU C 6 -2.45 13.14 -1.31
C LEU C 6 -3.62 13.83 -0.63
N THR C 7 -4.19 14.84 -1.29
CA THR C 7 -5.37 15.50 -0.79
C THR C 7 -6.49 15.30 -1.78
N TYR C 8 -7.63 14.84 -1.27
CA TYR C 8 -8.85 14.63 -2.06
C TYR C 8 -10.00 14.55 -1.08
N PHE C 9 -11.23 14.36 -1.57
CA PHE C 9 -12.40 14.19 -0.73
C PHE C 9 -12.36 12.79 -0.08
N ASN C 10 -13.30 12.54 0.84
CA ASN C 10 -13.41 11.22 1.44
C ASN C 10 -14.27 10.37 0.52
N MET C 11 -13.67 9.99 -0.62
CA MET C 11 -14.32 9.12 -1.59
C MET C 11 -13.27 8.51 -2.50
N ARG C 12 -13.63 7.48 -3.24
CA ARG C 12 -12.69 6.88 -4.17
C ARG C 12 -12.42 7.87 -5.31
N GLY C 13 -13.48 8.20 -6.04
CA GLY C 13 -13.41 9.17 -7.15
C GLY C 13 -12.14 9.16 -7.98
N ARG C 14 -11.59 10.35 -8.21
CA ARG C 14 -10.40 10.53 -9.04
C ARG C 14 -9.05 10.26 -8.36
N ALA C 15 -9.02 10.12 -7.03
CA ALA C 15 -7.76 9.80 -6.33
C ALA C 15 -7.46 8.30 -6.30
N GLU C 16 -8.51 7.48 -6.35
CA GLU C 16 -8.38 6.02 -6.19
C GLU C 16 -7.31 5.35 -7.06
N ILE C 17 -7.13 5.79 -8.31
CA ILE C 17 -6.10 5.20 -9.17
C ILE C 17 -4.72 5.41 -8.56
N ILE C 18 -4.51 6.57 -7.95
CA ILE C 18 -3.25 6.90 -7.27
C ILE C 18 -3.07 6.02 -6.04
N ARG C 19 -4.13 5.90 -5.24
CA ARG C 19 -4.15 5.04 -4.05
C ARG C 19 -3.83 3.57 -4.41
N TYR C 20 -4.39 3.04 -5.50
CA TYR C 20 -4.06 1.68 -5.96
C TYR C 20 -2.60 1.52 -6.38
N ILE C 21 -2.05 2.56 -7.01
CA ILE C 21 -0.65 2.54 -7.47
C ILE C 21 0.29 2.59 -6.25
N PHE C 22 -0.05 3.42 -5.27
CA PHE C 22 0.74 3.49 -4.03
C PHE C 22 0.71 2.13 -3.31
N ALA C 23 -0.49 1.55 -3.20
CA ALA C 23 -0.65 0.22 -2.58
C ALA C 23 0.15 -0.86 -3.29
N TYR C 24 -0.02 -1.00 -4.60
CA TYR C 24 0.71 -2.02 -5.36
C TYR C 24 2.24 -1.86 -5.30
N LEU C 25 2.71 -0.62 -5.39
CA LEU C 25 4.14 -0.35 -5.39
C LEU C 25 4.72 -0.24 -3.99
N ASP C 26 3.84 -0.33 -2.99
CA ASP C 26 4.22 -0.29 -1.57
C ASP C 26 4.98 1.01 -1.21
N ILE C 27 4.44 2.13 -1.69
CA ILE C 27 5.02 3.45 -1.50
C ILE C 27 4.31 4.19 -0.37
N GLN C 28 5.05 4.77 0.57
CA GLN C 28 4.43 5.50 1.69
C GLN C 28 3.88 6.84 1.25
N TYR C 29 2.70 7.16 1.77
CA TYR C 29 2.06 8.43 1.49
C TYR C 29 1.02 8.69 2.56
N GLU C 30 0.66 9.96 2.73
CA GLU C 30 -0.38 10.36 3.67
C GLU C 30 -1.66 10.57 2.87
N ASP C 31 -2.68 9.78 3.20
CA ASP C 31 -3.97 9.82 2.54
C ASP C 31 -4.87 10.85 3.22
N HIS C 32 -4.66 12.11 2.86
CA HIS C 32 -5.42 13.20 3.44
C HIS C 32 -6.80 13.43 2.78
N ARG C 33 -7.84 13.28 3.59
CA ARG C 33 -9.22 13.39 3.12
C ARG C 33 -9.94 14.58 3.76
N ILE C 34 -10.56 15.41 2.92
CA ILE C 34 -11.25 16.60 3.38
C ILE C 34 -12.75 16.50 3.17
N GLU C 35 -13.51 17.30 3.92
CA GLU C 35 -14.96 17.35 3.76
C GLU C 35 -15.33 18.52 2.87
N GLN C 36 -16.61 18.60 2.49
CA GLN C 36 -17.09 19.70 1.66
C GLN C 36 -16.87 21.06 2.32
N ALA C 37 -16.93 21.10 3.65
CA ALA C 37 -16.75 22.33 4.43
C ALA C 37 -15.32 22.88 4.42
N ASP C 38 -14.35 22.01 4.19
CA ASP C 38 -12.94 22.40 4.14
C ASP C 38 -12.54 22.87 2.73
N TRP C 39 -13.36 22.49 1.75
CA TRP C 39 -13.07 22.74 0.33
C TRP C 39 -12.99 24.21 -0.13
N PRO C 40 -14.05 25.02 0.16
CA PRO C 40 -14.02 26.42 -0.27
C PRO C 40 -12.73 27.14 0.16
N GLU C 41 -12.26 26.85 1.37
CA GLU C 41 -11.04 27.46 1.87
C GLU C 41 -9.81 26.94 1.12
N ILE C 42 -9.66 25.62 1.07
CA ILE C 42 -8.52 24.94 0.40
C ILE C 42 -8.36 25.32 -1.08
N LYS C 43 -9.47 25.33 -1.80
CA LYS C 43 -9.52 25.65 -3.23
C LYS C 43 -8.70 26.90 -3.57
N SER C 44 -8.81 27.93 -2.72
CA SER C 44 -8.10 29.20 -2.90
C SER C 44 -6.57 29.10 -2.96
N THR C 45 -6.00 28.07 -2.31
CA THR C 45 -4.54 27.90 -2.30
C THR C 45 -3.99 27.02 -3.43
N LEU C 46 -4.87 26.41 -4.21
CA LEU C 46 -4.44 25.51 -5.29
C LEU C 46 -4.21 26.28 -6.60
N PRO C 47 -2.99 26.18 -7.16
CA PRO C 47 -2.63 26.82 -8.43
C PRO C 47 -3.65 26.60 -9.56
N PHE C 48 -4.36 25.46 -9.55
CA PHE C 48 -5.41 25.21 -10.55
C PHE C 48 -6.82 24.92 -9.98
N GLY C 49 -7.00 25.16 -8.69
CA GLY C 49 -8.28 25.01 -8.02
C GLY C 49 -9.02 23.68 -8.04
N LYS C 50 -8.30 22.58 -8.27
CA LYS C 50 -8.91 21.25 -8.28
C LYS C 50 -8.12 20.22 -7.49
N ILE C 51 -8.83 19.16 -7.09
CA ILE C 51 -8.25 18.01 -6.41
C ILE C 51 -8.57 16.75 -7.23
N PRO C 52 -7.76 15.68 -7.13
CA PRO C 52 -6.60 15.50 -6.23
C PRO C 52 -5.33 16.28 -6.54
N ILE C 53 -4.56 16.48 -5.48
CA ILE C 53 -3.24 17.06 -5.57
C ILE C 53 -2.30 16.08 -4.88
N LEU C 54 -1.06 16.05 -5.31
CA LEU C 54 -0.07 15.22 -4.67
C LEU C 54 1.11 16.11 -4.35
N GLU C 55 1.34 16.35 -3.06
CA GLU C 55 2.47 17.19 -2.65
C GLU C 55 3.69 16.33 -2.42
N VAL C 56 4.82 16.81 -2.93
CA VAL C 56 6.10 16.12 -2.84
C VAL C 56 7.17 17.20 -2.89
N ASP C 57 8.05 17.24 -1.89
CA ASP C 57 9.20 18.18 -1.89
C ASP C 57 8.83 19.66 -2.10
N GLY C 58 7.71 20.08 -1.54
CA GLY C 58 7.27 21.47 -1.71
C GLY C 58 6.50 21.73 -2.99
N LEU C 59 6.52 20.75 -3.91
CA LEU C 59 5.77 20.83 -5.16
C LEU C 59 4.34 20.32 -4.98
N THR C 60 3.41 20.91 -5.72
CA THR C 60 2.03 20.48 -5.66
C THR C 60 1.70 19.94 -7.06
N LEU C 61 1.63 18.62 -7.17
CA LEU C 61 1.29 18.00 -8.44
C LEU C 61 -0.21 17.91 -8.46
N HIS C 62 -0.78 17.83 -9.66
CA HIS C 62 -2.22 17.74 -9.83
C HIS C 62 -2.51 16.97 -11.11
N GLN C 63 -3.81 16.72 -11.35
CA GLN C 63 -4.34 15.96 -12.47
C GLN C 63 -4.10 14.46 -12.22
N SER C 64 -5.12 13.78 -11.71
CA SER C 64 -4.99 12.38 -11.31
C SER C 64 -4.24 11.46 -12.28
N LEU C 65 -4.58 11.54 -13.57
CA LEU C 65 -3.94 10.71 -14.60
C LEU C 65 -2.48 11.08 -14.88
N ALA C 66 -2.17 12.36 -14.81
CA ALA C 66 -0.79 12.83 -14.99
C ALA C 66 0.05 12.26 -13.86
N ILE C 67 -0.49 12.31 -12.64
CA ILE C 67 0.18 11.75 -11.44
C ILE C 67 0.33 10.24 -11.56
N ALA C 68 -0.76 9.58 -11.95
CA ALA C 68 -0.74 8.12 -12.15
C ALA C 68 0.36 7.68 -13.14
N ARG C 69 0.51 8.40 -14.26
CA ARG C 69 1.50 8.10 -15.28
C ARG C 69 2.93 8.27 -14.72
N TYR C 70 3.11 9.33 -13.97
CA TYR C 70 4.38 9.64 -13.33
C TYR C 70 4.81 8.53 -12.38
N LEU C 71 3.92 8.13 -11.47
CA LEU C 71 4.22 7.12 -10.47
C LEU C 71 4.46 5.72 -11.06
N THR C 72 3.86 5.43 -12.21
CA THR C 72 4.04 4.12 -12.85
C THR C 72 5.18 4.00 -13.86
N LYS C 73 5.80 5.10 -14.23
CA LYS C 73 6.96 5.02 -15.14
C LYS C 73 8.06 4.20 -14.51
N ASN C 74 8.71 3.38 -15.35
CA ASN C 74 9.79 2.48 -14.95
C ASN C 74 9.39 1.44 -13.91
N THR C 75 8.10 1.09 -13.91
CA THR C 75 7.55 0.05 -13.03
C THR C 75 6.85 -0.97 -13.93
N ASP C 76 6.45 -2.12 -13.39
CA ASP C 76 5.74 -3.13 -14.20
C ASP C 76 4.25 -2.80 -14.49
N LEU C 77 3.78 -1.65 -14.02
CA LEU C 77 2.39 -1.26 -14.23
C LEU C 77 2.24 -0.43 -15.49
N ALA C 78 3.40 -0.04 -16.04
CA ALA C 78 3.44 0.69 -17.29
C ALA C 78 3.51 -0.37 -18.38
N GLY C 79 3.22 -0.03 -19.62
CA GLY C 79 3.34 -0.99 -20.72
C GLY C 79 4.80 -1.42 -20.79
N ASN C 80 5.04 -2.62 -21.31
CA ASN C 80 6.42 -3.16 -21.40
C ASN C 80 7.27 -2.68 -22.57
N THR C 81 6.64 -1.97 -23.51
CA THR C 81 7.30 -1.36 -24.67
C THR C 81 6.67 0.03 -24.89
N GLU C 82 7.28 0.84 -25.75
CA GLU C 82 6.80 2.20 -26.03
C GLU C 82 5.39 2.15 -26.63
N MET C 83 5.17 1.18 -27.51
CA MET C 83 3.87 0.98 -28.14
C MET C 83 2.78 0.56 -27.15
N GLU C 84 3.14 -0.35 -26.24
CA GLU C 84 2.22 -0.82 -25.20
C GLU C 84 1.82 0.32 -24.28
N GLN C 85 2.78 1.19 -23.96
CA GLN C 85 2.51 2.35 -23.14
C GLN C 85 1.44 3.22 -23.79
N CYS C 86 1.48 3.32 -25.11
CA CYS C 86 0.47 4.07 -25.86
C CYS C 86 -0.89 3.36 -25.72
N HIS C 87 -0.89 2.03 -25.85
CA HIS C 87 -2.10 1.22 -25.69
C HIS C 87 -2.66 1.36 -24.27
N VAL C 88 -1.79 1.32 -23.26
CA VAL C 88 -2.20 1.55 -21.87
C VAL C 88 -2.87 2.92 -21.74
N ASP C 89 -2.20 3.96 -22.24
CA ASP C 89 -2.76 5.32 -22.17
C ASP C 89 -4.09 5.45 -22.92
N ALA C 90 -4.21 4.80 -24.08
CA ALA C 90 -5.43 4.89 -24.87
C ALA C 90 -6.63 4.32 -24.15
N ILE C 91 -6.44 3.13 -23.53
CA ILE C 91 -7.53 2.49 -22.78
C ILE C 91 -7.90 3.34 -21.56
N VAL C 92 -6.91 3.87 -20.85
CA VAL C 92 -7.18 4.78 -19.71
C VAL C 92 -7.99 5.99 -20.17
N ASP C 93 -7.59 6.58 -21.29
CA ASP C 93 -8.29 7.73 -21.85
C ASP C 93 -9.72 7.43 -22.28
N THR C 94 -9.92 6.28 -22.90
CA THR C 94 -11.24 5.84 -23.32
C THR C 94 -12.17 5.77 -22.11
N LEU C 95 -11.67 5.15 -21.04
CA LEU C 95 -12.43 5.05 -19.80
C LEU C 95 -12.64 6.43 -19.18
N ASP C 96 -11.60 7.24 -19.12
CA ASP C 96 -11.76 8.56 -18.48
C ASP C 96 -12.73 9.45 -19.24
N ASP C 97 -12.74 9.35 -20.58
CA ASP C 97 -13.67 10.13 -21.42
C ASP C 97 -15.10 9.86 -21.02
N PHE C 98 -15.42 8.58 -20.80
CA PHE C 98 -16.77 8.20 -20.44
C PHE C 98 -17.13 8.70 -19.04
N MET C 99 -16.26 8.41 -18.07
CA MET C 99 -16.47 8.84 -16.68
C MET C 99 -16.61 10.35 -16.58
N SER C 100 -15.76 11.06 -17.34
CA SER C 100 -15.78 12.52 -17.38
C SER C 100 -17.04 13.12 -18.02
N CYS C 101 -17.78 12.31 -18.78
CA CYS C 101 -19.06 12.76 -19.34
C CYS C 101 -20.14 12.97 -18.28
N PHE C 102 -20.02 12.26 -17.16
CA PHE C 102 -21.00 12.40 -16.09
C PHE C 102 -20.87 13.77 -15.46
N PRO C 103 -22.01 14.50 -15.34
CA PRO C 103 -21.94 15.81 -14.73
C PRO C 103 -21.93 15.65 -13.21
N TRP C 104 -20.79 15.25 -12.67
CA TRP C 104 -20.63 15.01 -11.23
C TRP C 104 -20.88 16.24 -10.35
N ALA C 105 -20.53 17.42 -10.86
CA ALA C 105 -20.70 18.67 -10.10
C ALA C 105 -21.85 19.57 -10.61
N GLU C 106 -22.80 18.96 -11.30
CA GLU C 106 -23.99 19.67 -11.77
C GLU C 106 -24.92 19.94 -10.59
N LYS C 107 -25.30 21.20 -10.43
CA LYS C 107 -26.20 21.69 -9.38
C LYS C 107 -27.64 21.25 -9.68
N LYS C 108 -28.10 21.60 -10.88
CA LYS C 108 -29.47 21.31 -11.35
C LYS C 108 -29.73 19.81 -11.48
N GLN C 109 -30.42 19.24 -10.49
CA GLN C 109 -30.69 17.80 -10.44
C GLN C 109 -31.33 17.23 -11.68
N ASP C 110 -32.30 17.96 -12.20
CA ASP C 110 -33.07 17.55 -13.36
C ASP C 110 -32.18 17.37 -14.61
N VAL C 111 -31.20 18.26 -14.78
CA VAL C 111 -30.23 18.13 -15.86
C VAL C 111 -29.30 16.96 -15.52
N LYS C 112 -28.83 16.95 -14.27
CA LYS C 112 -27.93 15.91 -13.78
C LYS C 112 -28.55 14.51 -13.93
N GLU C 113 -29.80 14.38 -13.50
CA GLU C 113 -30.55 13.13 -13.51
C GLU C 113 -30.70 12.61 -14.92
N GLN C 114 -31.00 13.54 -15.84
CA GLN C 114 -31.19 13.23 -17.24
C GLN C 114 -29.90 12.68 -17.85
N MET C 115 -28.79 13.38 -17.60
CA MET C 115 -27.48 12.97 -18.10
C MET C 115 -27.07 11.58 -17.62
N PHE C 116 -27.13 11.38 -16.30
CA PHE C 116 -26.79 10.09 -15.70
C PHE C 116 -27.58 8.94 -16.32
N ASN C 117 -28.90 9.10 -16.36
CA ASN C 117 -29.77 8.08 -16.94
C ASN C 117 -29.44 7.86 -18.41
N GLU C 118 -29.25 8.95 -19.15
CA GLU C 118 -28.86 8.90 -20.57
C GLU C 118 -27.53 8.13 -20.76
N LEU C 119 -26.52 8.47 -19.98
CA LEU C 119 -25.22 7.83 -20.10
C LEU C 119 -25.21 6.35 -19.75
N LEU C 120 -25.95 5.99 -18.69
CA LEU C 120 -26.00 4.61 -18.22
C LEU C 120 -26.84 3.69 -19.07
N THR C 121 -27.99 4.19 -19.52
CA THR C 121 -28.95 3.42 -20.34
C THR C 121 -28.49 3.27 -21.79
N TYR C 122 -28.12 4.38 -22.41
CA TYR C 122 -27.83 4.38 -23.83
C TYR C 122 -26.36 4.24 -24.23
N ASN C 123 -25.46 4.84 -23.47
CA ASN C 123 -24.04 4.84 -23.88
C ASN C 123 -23.15 3.78 -23.22
N ALA C 124 -23.38 3.54 -21.93
CA ALA C 124 -22.60 2.55 -21.18
C ALA C 124 -22.57 1.14 -21.83
N PRO C 125 -23.75 0.57 -22.19
CA PRO C 125 -23.73 -0.76 -22.82
C PRO C 125 -22.87 -0.84 -24.09
N HIS C 126 -22.83 0.23 -24.88
CA HIS C 126 -22.03 0.25 -26.09
C HIS C 126 -20.53 0.19 -25.73
N LEU C 127 -20.13 0.97 -24.72
CA LEU C 127 -18.74 0.98 -24.27
C LEU C 127 -18.33 -0.40 -23.75
N MET C 128 -19.17 -1.04 -22.94
CA MET C 128 -18.86 -2.38 -22.43
C MET C 128 -18.61 -3.37 -23.57
N GLN C 129 -19.48 -3.31 -24.58
CA GLN C 129 -19.38 -4.16 -25.77
C GLN C 129 -18.03 -3.92 -26.47
N ASP C 130 -17.67 -2.65 -26.68
CA ASP C 130 -16.39 -2.33 -27.32
C ASP C 130 -15.19 -2.79 -26.49
N LEU C 131 -15.32 -2.70 -25.17
CA LEU C 131 -14.27 -3.13 -24.25
C LEU C 131 -14.12 -4.63 -24.19
N ASP C 132 -15.25 -5.33 -24.25
CA ASP C 132 -15.25 -6.78 -24.20
C ASP C 132 -14.62 -7.34 -25.47
N THR C 133 -14.95 -6.71 -26.60
CA THR C 133 -14.40 -7.08 -27.90
C THR C 133 -12.91 -6.74 -27.95
N TYR C 134 -12.52 -5.58 -27.40
CA TYR C 134 -11.13 -5.19 -27.33
C TYR C 134 -10.34 -6.23 -26.54
N LEU C 135 -10.89 -6.64 -25.40
CA LEU C 135 -10.24 -7.62 -24.56
C LEU C 135 -10.23 -9.00 -25.23
N GLY C 136 -11.37 -9.40 -25.77
CA GLY C 136 -11.51 -10.72 -26.38
C GLY C 136 -11.23 -11.77 -25.31
N GLY C 137 -10.50 -12.81 -25.65
CA GLY C 137 -10.19 -13.85 -24.69
C GLY C 137 -8.87 -13.65 -23.96
N ARG C 138 -8.32 -12.44 -24.01
CA ARG C 138 -7.02 -12.18 -23.38
C ARG C 138 -7.12 -12.02 -21.87
N GLU C 139 -6.01 -12.24 -21.16
CA GLU C 139 -6.00 -12.16 -19.69
C GLU C 139 -6.07 -10.70 -19.17
N TRP C 140 -5.28 -9.82 -19.77
CA TRP C 140 -5.23 -8.41 -19.37
C TRP C 140 -5.54 -7.53 -20.58
N LEU C 141 -5.83 -6.25 -20.35
CA LEU C 141 -6.16 -5.33 -21.45
C LEU C 141 -5.02 -5.08 -22.45
N ILE C 142 -3.81 -4.94 -21.92
CA ILE C 142 -2.61 -4.71 -22.71
C ILE C 142 -1.50 -5.70 -22.36
N GLY C 143 -0.84 -6.24 -23.38
CA GLY C 143 0.33 -7.09 -23.18
C GLY C 143 0.09 -8.41 -22.49
N ASN C 144 1.08 -8.86 -21.71
CA ASN C 144 0.98 -10.14 -21.04
C ASN C 144 0.98 -10.08 -19.50
N SER C 145 0.92 -8.87 -18.95
CA SER C 145 0.85 -8.71 -17.49
C SER C 145 -0.07 -7.53 -17.09
N VAL C 146 -0.38 -7.40 -15.81
CA VAL C 146 -1.27 -6.32 -15.35
C VAL C 146 -0.61 -4.95 -15.62
N THR C 147 -1.42 -3.96 -15.98
CA THR C 147 -0.96 -2.58 -16.17
C THR C 147 -1.95 -1.71 -15.41
N TRP C 148 -1.64 -0.42 -15.21
CA TRP C 148 -2.58 0.42 -14.48
C TRP C 148 -3.89 0.66 -15.23
N ALA C 149 -3.93 0.28 -16.50
CA ALA C 149 -5.15 0.33 -17.29
C ALA C 149 -6.16 -0.68 -16.72
N ASP C 150 -5.67 -1.83 -16.29
CA ASP C 150 -6.52 -2.86 -15.68
C ASP C 150 -7.03 -2.32 -14.36
N PHE C 151 -6.17 -1.61 -13.63
CA PHE C 151 -6.55 -0.95 -12.38
C PHE C 151 -7.66 0.06 -12.61
N TYR C 152 -7.47 0.89 -13.65
CA TYR C 152 -8.46 1.91 -13.98
C TYR C 152 -9.80 1.29 -14.39
N TRP C 153 -9.75 0.17 -15.12
CA TRP C 153 -10.97 -0.55 -15.47
C TRP C 153 -11.75 -0.93 -14.21
N GLU C 154 -11.06 -1.57 -13.26
CA GLU C 154 -11.67 -2.01 -12.03
C GLU C 154 -12.25 -0.85 -11.25
N ILE C 155 -11.50 0.25 -11.16
CA ILE C 155 -11.95 1.43 -10.41
C ILE C 155 -13.19 2.09 -11.04
N CYS C 156 -13.13 2.36 -12.33
CA CYS C 156 -14.25 2.97 -13.05
C CYS C 156 -15.51 2.08 -13.03
N SER C 157 -15.33 0.80 -13.35
CA SER C 157 -16.46 -0.15 -13.37
C SER C 157 -17.13 -0.26 -11.98
N THR C 158 -16.33 -0.21 -10.91
CA THR C 158 -16.89 -0.22 -9.56
C THR C 158 -17.92 0.90 -9.36
N THR C 159 -17.59 2.11 -9.79
CA THR C 159 -18.51 3.26 -9.67
C THR C 159 -19.72 3.10 -10.59
N LEU C 160 -19.48 2.71 -11.84
CA LEU C 160 -20.59 2.45 -12.78
C LEU C 160 -21.58 1.42 -12.21
N LEU C 161 -21.05 0.30 -11.75
CA LEU C 161 -21.86 -0.77 -11.16
C LEU C 161 -22.73 -0.31 -9.99
N VAL C 162 -22.31 0.76 -9.31
CA VAL C 162 -23.11 1.31 -8.21
C VAL C 162 -24.46 1.80 -8.76
N PHE C 163 -24.41 2.48 -9.91
CA PHE C 163 -25.62 3.06 -10.51
C PHE C 163 -26.35 2.14 -11.48
N LYS C 164 -25.61 1.21 -12.05
CA LYS C 164 -26.07 0.28 -13.08
C LYS C 164 -25.54 -1.12 -12.73
N PRO C 165 -26.11 -1.74 -11.68
CA PRO C 165 -25.66 -3.06 -11.21
C PRO C 165 -25.65 -4.20 -12.25
N ASP C 166 -26.44 -4.10 -13.32
CA ASP C 166 -26.47 -5.13 -14.35
C ASP C 166 -25.56 -4.83 -15.55
N LEU C 167 -24.76 -3.78 -15.43
CA LEU C 167 -23.83 -3.32 -16.47
C LEU C 167 -23.08 -4.45 -17.18
N LEU C 168 -22.60 -5.41 -16.41
CA LEU C 168 -21.75 -6.47 -16.93
C LEU C 168 -22.36 -7.88 -16.99
N ASP C 169 -23.69 -7.96 -16.88
CA ASP C 169 -24.40 -9.25 -16.95
C ASP C 169 -24.14 -10.01 -18.24
N ASN C 170 -23.91 -9.27 -19.32
CA ASN C 170 -23.60 -9.82 -20.64
C ASN C 170 -22.10 -9.86 -20.93
N HIS C 171 -21.28 -9.45 -19.96
CA HIS C 171 -19.83 -9.39 -20.18
C HIS C 171 -19.01 -10.09 -19.10
N PRO C 172 -19.17 -11.43 -18.97
CA PRO C 172 -18.46 -12.22 -17.96
C PRO C 172 -16.94 -12.04 -17.99
N ARG C 173 -16.37 -11.79 -19.18
CA ARG C 173 -14.92 -11.60 -19.35
C ARG C 173 -14.42 -10.32 -18.71
N LEU C 174 -15.27 -9.30 -18.66
CA LEU C 174 -14.91 -8.02 -18.03
C LEU C 174 -15.07 -8.15 -16.50
N VAL C 175 -15.95 -9.05 -16.07
CA VAL C 175 -16.16 -9.35 -14.65
C VAL C 175 -14.94 -10.12 -14.10
N THR C 176 -14.48 -11.12 -14.85
CA THR C 176 -13.27 -11.87 -14.50
C THR C 176 -12.05 -10.95 -14.38
N LEU C 177 -11.94 -9.98 -15.28
CA LEU C 177 -10.85 -9.02 -15.24
C LEU C 177 -10.90 -8.20 -13.94
N ARG C 178 -12.10 -7.72 -13.57
CA ARG C 178 -12.29 -7.01 -12.30
C ARG C 178 -11.84 -7.84 -11.12
N LYS C 179 -12.21 -9.13 -11.13
CA LYS C 179 -11.83 -10.07 -10.09
C LYS C 179 -10.33 -10.34 -10.00
N LYS C 180 -9.65 -10.41 -11.13
CA LYS C 180 -8.20 -10.60 -11.11
C LYS C 180 -7.49 -9.41 -10.47
N VAL C 181 -7.91 -8.19 -10.83
CA VAL C 181 -7.33 -6.98 -10.23
C VAL C 181 -7.60 -6.97 -8.73
N GLN C 182 -8.83 -7.30 -8.35
CA GLN C 182 -9.23 -7.31 -6.96
C GLN C 182 -8.49 -8.41 -6.17
N ALA C 183 -7.98 -9.43 -6.86
CA ALA C 183 -7.25 -10.55 -6.21
C ALA C 183 -5.75 -10.28 -6.00
N ILE C 184 -5.20 -9.27 -6.69
CA ILE C 184 -3.80 -8.88 -6.46
C ILE C 184 -3.71 -8.57 -4.97
N PRO C 185 -2.80 -9.24 -4.24
CA PRO C 185 -2.79 -9.07 -2.77
C PRO C 185 -2.76 -7.61 -2.27
N ALA C 186 -1.88 -6.79 -2.83
CA ALA C 186 -1.76 -5.38 -2.44
C ALA C 186 -3.08 -4.63 -2.67
N VAL C 187 -3.77 -4.97 -3.77
CA VAL C 187 -5.06 -4.34 -4.09
C VAL C 187 -6.15 -4.86 -3.16
N ALA C 188 -6.20 -6.18 -2.97
CA ALA C 188 -7.14 -6.79 -2.03
C ALA C 188 -7.02 -6.15 -0.66
N ASN C 189 -5.79 -5.95 -0.19
CA ASN C 189 -5.53 -5.33 1.12
C ASN C 189 -6.03 -3.90 1.20
N TRP C 190 -5.82 -3.16 0.12
CA TRP C 190 -6.29 -1.78 0.06
C TRP C 190 -7.82 -1.72 0.05
N ILE C 191 -8.45 -2.59 -0.74
CA ILE C 191 -9.92 -2.68 -0.77
C ILE C 191 -10.52 -2.89 0.63
N LYS C 192 -9.87 -3.73 1.43
CA LYS C 192 -10.34 -4.01 2.80
C LYS C 192 -10.10 -2.84 3.77
N ARG C 193 -8.99 -2.13 3.57
CA ARG C 193 -8.62 -1.07 4.48
C ARG C 193 -9.28 0.28 4.25
N ARG C 194 -9.59 0.58 2.98
CA ARG C 194 -10.08 1.92 2.61
C ARG C 194 -11.40 2.31 3.25
N PRO C 195 -11.59 3.61 3.54
CA PRO C 195 -12.88 4.07 4.02
C PRO C 195 -13.96 3.62 3.05
N GLN C 196 -15.06 3.08 3.59
CA GLN C 196 -16.15 2.58 2.77
C GLN C 196 -17.04 3.78 2.42
N THR C 197 -17.03 4.16 1.15
CA THR C 197 -17.80 5.30 0.68
C THR C 197 -18.59 4.90 -0.56
N LYS C 198 -19.67 5.62 -0.84
CA LYS C 198 -20.49 5.28 -2.01
C LYS C 198 -19.71 5.49 -3.30
N LEU C 199 -19.03 6.64 -3.40
CA LEU C 199 -18.30 6.98 -4.63
C LEU C 199 -16.78 7.01 -4.45
N PRO D 2 8.41 5.79 -39.97
CA PRO D 2 7.29 4.93 -40.30
C PRO D 2 6.26 5.61 -41.21
N ASN D 3 5.46 4.82 -41.92
CA ASN D 3 4.41 5.36 -42.76
C ASN D 3 3.22 5.69 -41.86
N TYR D 4 2.79 6.94 -41.90
CA TYR D 4 1.69 7.40 -41.05
C TYR D 4 0.47 7.89 -41.84
N LYS D 5 -0.71 7.51 -41.36
CA LYS D 5 -1.96 7.99 -41.94
C LYS D 5 -2.89 8.40 -40.78
N LEU D 6 -3.23 9.69 -40.74
CA LEU D 6 -4.10 10.25 -39.72
C LEU D 6 -5.49 10.46 -40.31
N THR D 7 -6.51 9.96 -39.64
CA THR D 7 -7.90 10.11 -40.07
C THR D 7 -8.70 10.92 -39.06
N TYR D 8 -9.37 11.95 -39.57
CA TYR D 8 -10.20 12.83 -38.74
C TYR D 8 -11.09 13.63 -39.66
N PHE D 9 -11.97 14.42 -39.07
CA PHE D 9 -12.82 15.32 -39.82
C PHE D 9 -11.93 16.42 -40.37
N ASN D 10 -12.50 17.26 -41.23
CA ASN D 10 -11.83 18.42 -41.77
C ASN D 10 -12.06 19.55 -40.76
N MET D 11 -11.36 19.41 -39.63
CA MET D 11 -11.37 20.35 -38.52
C MET D 11 -10.03 20.15 -37.80
N ARG D 12 -9.62 21.15 -37.01
CA ARG D 12 -8.42 20.97 -36.20
C ARG D 12 -8.81 19.92 -35.16
N GLY D 13 -9.81 20.24 -34.33
CA GLY D 13 -10.37 19.32 -33.32
C GLY D 13 -9.35 18.59 -32.46
N ARG D 14 -9.58 17.30 -32.26
CA ARG D 14 -8.71 16.44 -31.45
C ARG D 14 -7.49 15.95 -32.22
N ALA D 15 -7.50 16.10 -33.53
CA ALA D 15 -6.37 15.65 -34.34
C ALA D 15 -5.22 16.64 -34.42
N GLU D 16 -5.52 17.92 -34.22
CA GLU D 16 -4.53 19.01 -34.39
C GLU D 16 -3.22 18.90 -33.60
N ILE D 17 -3.29 18.41 -32.37
CA ILE D 17 -2.08 18.25 -31.56
C ILE D 17 -1.10 17.30 -32.27
N ILE D 18 -1.63 16.25 -32.89
CA ILE D 18 -0.79 15.30 -33.63
C ILE D 18 -0.21 15.98 -34.88
N ARG D 19 -1.04 16.78 -35.54
CA ARG D 19 -0.63 17.53 -36.73
C ARG D 19 0.51 18.53 -36.42
N TYR D 20 0.46 19.20 -35.26
CA TYR D 20 1.55 20.12 -34.86
C TYR D 20 2.82 19.32 -34.56
N ILE D 21 2.65 18.21 -33.85
CA ILE D 21 3.76 17.34 -33.49
C ILE D 21 4.44 16.87 -34.78
N PHE D 22 3.65 16.39 -35.73
CA PHE D 22 4.22 15.96 -37.02
C PHE D 22 4.98 17.11 -37.69
N ALA D 23 4.35 18.27 -37.83
CA ALA D 23 5.00 19.41 -38.47
C ALA D 23 6.30 19.74 -37.75
N TYR D 24 6.26 19.87 -36.43
CA TYR D 24 7.45 20.22 -35.68
C TYR D 24 8.59 19.21 -35.85
N LEU D 25 8.28 17.91 -35.80
CA LEU D 25 9.31 16.88 -35.94
C LEU D 25 9.68 16.56 -37.40
N ASP D 26 9.09 17.29 -38.34
CA ASP D 26 9.33 17.13 -39.78
C ASP D 26 9.04 15.69 -40.23
N ILE D 27 7.94 15.15 -39.73
CA ILE D 27 7.54 13.78 -40.04
C ILE D 27 6.40 13.79 -41.05
N GLN D 28 6.65 13.21 -42.22
CA GLN D 28 5.66 13.14 -43.28
C GLN D 28 4.56 12.12 -42.99
N TYR D 29 3.32 12.51 -43.24
CA TYR D 29 2.17 11.67 -42.99
C TYR D 29 1.05 12.00 -43.98
N GLU D 30 0.05 11.13 -44.05
CA GLU D 30 -1.11 11.35 -44.90
C GLU D 30 -2.20 11.95 -44.02
N ASP D 31 -2.59 13.18 -44.34
CA ASP D 31 -3.61 13.89 -43.59
C ASP D 31 -5.01 13.58 -44.13
N HIS D 32 -5.55 12.43 -43.77
CA HIS D 32 -6.86 11.98 -44.27
C HIS D 32 -8.05 12.65 -43.56
N ARG D 33 -8.67 13.60 -44.26
CA ARG D 33 -9.83 14.33 -43.78
C ARG D 33 -11.07 13.77 -44.44
N ILE D 34 -11.88 13.10 -43.65
CA ILE D 34 -13.12 12.47 -44.12
C ILE D 34 -14.28 13.44 -44.12
N GLU D 35 -15.25 13.17 -44.99
CA GLU D 35 -16.43 14.00 -45.08
C GLU D 35 -17.35 13.58 -43.94
N GLN D 36 -17.97 14.57 -43.28
CA GLN D 36 -18.91 14.33 -42.17
C GLN D 36 -20.00 13.33 -42.57
N ALA D 37 -20.45 13.44 -43.81
CA ALA D 37 -21.47 12.56 -44.38
C ALA D 37 -20.99 11.12 -44.57
N ASP D 38 -19.67 10.93 -44.65
CA ASP D 38 -19.07 9.58 -44.81
C ASP D 38 -18.74 8.92 -43.48
N TRP D 39 -18.91 9.67 -42.40
CA TRP D 39 -18.61 9.21 -41.06
C TRP D 39 -19.40 7.98 -40.55
N PRO D 40 -20.76 8.01 -40.65
CA PRO D 40 -21.50 6.83 -40.17
C PRO D 40 -20.96 5.48 -40.69
N GLU D 41 -20.50 5.43 -41.93
CA GLU D 41 -19.96 4.20 -42.49
C GLU D 41 -18.57 3.89 -41.91
N ILE D 42 -17.74 4.92 -41.74
CA ILE D 42 -16.39 4.77 -41.18
C ILE D 42 -16.45 4.30 -39.73
N LYS D 43 -17.25 5.01 -38.94
CA LYS D 43 -17.42 4.76 -37.50
C LYS D 43 -17.49 3.27 -37.13
N SER D 44 -18.39 2.56 -37.78
CA SER D 44 -18.64 1.14 -37.54
C SER D 44 -17.41 0.24 -37.68
N THR D 45 -16.41 0.67 -38.45
CA THR D 45 -15.18 -0.10 -38.67
C THR D 45 -14.11 0.06 -37.58
N LEU D 46 -14.29 1.06 -36.71
CA LEU D 46 -13.29 1.34 -35.68
C LEU D 46 -13.66 0.70 -34.34
N PRO D 47 -12.74 -0.10 -33.75
CA PRO D 47 -12.93 -0.80 -32.46
C PRO D 47 -13.62 0.02 -31.34
N PHE D 48 -13.38 1.34 -31.27
CA PHE D 48 -14.07 2.20 -30.30
C PHE D 48 -14.97 3.26 -30.95
N GLY D 49 -15.10 3.19 -32.27
CA GLY D 49 -15.96 4.10 -33.04
C GLY D 49 -15.73 5.60 -32.88
N LYS D 50 -14.47 5.99 -32.77
CA LYS D 50 -14.09 7.40 -32.60
C LYS D 50 -12.84 7.75 -33.37
N ILE D 51 -12.76 9.02 -33.75
CA ILE D 51 -11.57 9.60 -34.38
C ILE D 51 -11.00 10.70 -33.47
N PRO D 52 -9.70 11.01 -33.63
CA PRO D 52 -8.80 10.50 -34.66
C PRO D 52 -8.23 9.10 -34.43
N ILE D 53 -7.78 8.48 -35.51
CA ILE D 53 -7.01 7.25 -35.44
C ILE D 53 -5.72 7.51 -36.21
N LEU D 54 -4.64 6.84 -35.82
CA LEU D 54 -3.37 6.98 -36.50
C LEU D 54 -2.87 5.61 -36.86
N GLU D 55 -2.67 5.40 -38.16
CA GLU D 55 -2.14 4.13 -38.66
C GLU D 55 -0.63 4.24 -38.79
N VAL D 56 0.08 3.38 -38.07
CA VAL D 56 1.54 3.37 -38.00
C VAL D 56 2.07 2.07 -38.58
N ASP D 57 2.60 2.12 -39.80
CA ASP D 57 3.07 0.93 -40.49
C ASP D 57 1.95 -0.11 -40.42
N GLY D 58 0.73 0.32 -40.75
CA GLY D 58 -0.44 -0.58 -40.73
C GLY D 58 -1.07 -0.93 -39.39
N LEU D 59 -0.59 -0.33 -38.31
CA LEU D 59 -1.19 -0.58 -36.99
C LEU D 59 -2.05 0.63 -36.63
N THR D 60 -3.28 0.38 -36.19
CA THR D 60 -4.23 1.46 -35.90
C THR D 60 -4.22 1.90 -34.41
N LEU D 61 -3.75 3.12 -34.14
CA LEU D 61 -3.74 3.68 -32.79
C LEU D 61 -4.87 4.70 -32.63
N HIS D 62 -5.35 4.89 -31.41
CA HIS D 62 -6.44 5.82 -31.13
C HIS D 62 -6.15 6.63 -29.86
N GLN D 63 -7.01 7.61 -29.59
CA GLN D 63 -6.88 8.51 -28.43
C GLN D 63 -5.77 9.51 -28.69
N SER D 64 -6.18 10.73 -29.07
CA SER D 64 -5.25 11.77 -29.48
C SER D 64 -4.11 12.07 -28.49
N LEU D 65 -4.39 12.12 -27.19
CA LEU D 65 -3.32 12.47 -26.25
C LEU D 65 -2.35 11.32 -25.99
N ALA D 66 -2.88 10.09 -26.04
CA ALA D 66 -2.05 8.90 -25.89
C ALA D 66 -1.07 8.86 -27.08
N ILE D 67 -1.57 9.20 -28.26
CA ILE D 67 -0.73 9.22 -29.48
C ILE D 67 0.31 10.35 -29.39
N ALA D 68 -0.15 11.54 -29.01
CA ALA D 68 0.74 12.69 -28.84
C ALA D 68 1.91 12.36 -27.92
N ARG D 69 1.61 11.75 -26.77
CA ARG D 69 2.62 11.37 -25.79
C ARG D 69 3.62 10.37 -26.36
N TYR D 70 3.10 9.39 -27.11
CA TYR D 70 3.89 8.35 -27.77
C TYR D 70 4.86 8.94 -28.80
N LEU D 71 4.35 9.81 -29.66
CA LEU D 71 5.16 10.47 -30.68
C LEU D 71 6.22 11.42 -30.13
N THR D 72 5.99 12.01 -28.96
CA THR D 72 6.95 12.99 -28.45
C THR D 72 7.99 12.39 -27.50
N LYS D 73 7.83 11.13 -27.18
CA LYS D 73 8.73 10.44 -26.26
C LYS D 73 10.09 10.42 -26.93
N ASN D 74 11.14 10.79 -26.19
CA ASN D 74 12.51 10.81 -26.74
C ASN D 74 12.78 11.92 -27.75
N THR D 75 11.88 12.92 -27.81
CA THR D 75 12.10 14.06 -28.70
C THR D 75 12.19 15.28 -27.80
N ASP D 76 12.60 16.41 -28.35
CA ASP D 76 12.70 17.63 -27.57
C ASP D 76 11.34 18.20 -27.13
N LEU D 77 10.23 17.64 -27.62
CA LEU D 77 8.90 18.12 -27.22
C LEU D 77 8.43 17.54 -25.89
N ALA D 78 9.20 16.61 -25.34
CA ALA D 78 8.88 15.99 -24.08
C ALA D 78 9.55 16.78 -22.98
N GLY D 79 9.05 16.64 -21.76
CA GLY D 79 9.69 17.28 -20.61
C GLY D 79 11.07 16.64 -20.50
N ASN D 80 12.02 17.40 -20.00
CA ASN D 80 13.42 16.96 -19.90
C ASN D 80 13.71 15.92 -18.81
N THR D 81 12.80 15.77 -17.84
CA THR D 81 12.92 14.78 -16.77
C THR D 81 11.57 14.11 -16.54
N GLU D 82 11.55 13.02 -15.77
CA GLU D 82 10.30 12.34 -15.46
C GLU D 82 9.30 13.30 -14.87
N MET D 83 9.76 14.19 -14.00
CA MET D 83 8.77 15.08 -13.45
C MET D 83 8.35 16.23 -14.34
N GLU D 84 9.24 16.72 -15.20
CA GLU D 84 8.81 17.73 -16.17
C GLU D 84 7.76 17.08 -17.06
N GLN D 85 7.93 15.79 -17.35
CA GLN D 85 6.93 15.03 -18.13
C GLN D 85 5.58 14.97 -17.41
N CYS D 86 5.63 14.88 -16.09
CA CYS D 86 4.41 14.90 -15.27
C CYS D 86 3.74 16.28 -15.34
N HIS D 87 4.55 17.35 -15.39
CA HIS D 87 4.04 18.71 -15.47
C HIS D 87 3.43 18.98 -16.84
N VAL D 88 4.06 18.45 -17.87
CA VAL D 88 3.53 18.53 -19.23
C VAL D 88 2.17 17.85 -19.24
N ASP D 89 2.12 16.59 -18.78
CA ASP D 89 0.86 15.85 -18.76
C ASP D 89 -0.23 16.56 -17.99
N ALA D 90 0.13 17.18 -16.86
CA ALA D 90 -0.87 17.87 -16.00
C ALA D 90 -1.44 19.13 -16.64
N ILE D 91 -0.59 19.93 -17.30
CA ILE D 91 -1.07 21.14 -18.00
C ILE D 91 -2.02 20.70 -19.12
N VAL D 92 -1.60 19.69 -19.88
CA VAL D 92 -2.42 19.14 -20.98
C VAL D 92 -3.81 18.69 -20.50
N ASP D 93 -3.82 17.91 -19.42
CA ASP D 93 -5.08 17.43 -18.84
C ASP D 93 -5.95 18.58 -18.35
N THR D 94 -5.30 19.61 -17.82
CA THR D 94 -5.99 20.81 -17.31
C THR D 94 -6.73 21.54 -18.45
N LEU D 95 -6.02 21.74 -19.54
CA LEU D 95 -6.58 22.35 -20.74
C LEU D 95 -7.66 21.45 -21.36
N ASP D 96 -7.41 20.14 -21.38
CA ASP D 96 -8.34 19.17 -21.98
C ASP D 96 -9.67 19.05 -21.25
N ASP D 97 -9.70 19.40 -19.96
CA ASP D 97 -10.93 19.39 -19.17
C ASP D 97 -11.94 20.37 -19.77
N PHE D 98 -11.45 21.24 -20.62
CA PHE D 98 -12.25 22.29 -21.25
C PHE D 98 -12.55 22.04 -22.72
N MET D 99 -12.00 20.98 -23.28
CA MET D 99 -12.22 20.66 -24.68
C MET D 99 -13.45 19.77 -24.86
N GLN D 109 -28.43 17.92 -27.62
CA GLN D 109 -27.89 19.15 -28.19
C GLN D 109 -27.97 20.30 -27.19
N ASP D 110 -29.19 20.71 -26.86
CA ASP D 110 -29.45 21.81 -25.93
C ASP D 110 -28.80 21.62 -24.56
N VAL D 111 -29.02 20.46 -23.96
CA VAL D 111 -28.47 20.12 -22.64
C VAL D 111 -26.93 20.18 -22.65
N LYS D 112 -26.32 19.51 -23.62
CA LYS D 112 -24.86 19.46 -23.75
C LYS D 112 -24.25 20.82 -24.10
N GLU D 113 -24.92 21.56 -24.99
CA GLU D 113 -24.48 22.90 -25.40
C GLU D 113 -24.58 23.88 -24.23
N GLN D 114 -25.66 23.76 -23.45
CA GLN D 114 -25.86 24.60 -22.27
C GLN D 114 -24.76 24.30 -21.25
N MET D 115 -24.48 23.01 -21.03
CA MET D 115 -23.42 22.59 -20.10
C MET D 115 -22.06 23.16 -20.48
N PHE D 116 -21.76 23.19 -21.79
CA PHE D 116 -20.48 23.68 -22.27
C PHE D 116 -20.31 25.19 -22.06
N ASN D 117 -21.37 25.96 -22.35
CA ASN D 117 -21.36 27.40 -22.10
C ASN D 117 -21.25 27.77 -20.62
N GLU D 118 -21.82 26.93 -19.76
CA GLU D 118 -21.72 27.13 -18.32
C GLU D 118 -20.30 26.79 -17.88
N LEU D 119 -19.77 25.72 -18.45
CA LEU D 119 -18.41 25.29 -18.15
C LEU D 119 -17.47 26.46 -18.46
N LEU D 120 -17.72 27.12 -19.58
CA LEU D 120 -16.87 28.25 -20.01
C LEU D 120 -17.17 29.59 -19.33
N THR D 121 -18.35 29.73 -18.73
CA THR D 121 -18.70 30.95 -18.03
C THR D 121 -18.07 31.00 -16.64
N TYR D 122 -18.27 29.94 -15.86
CA TYR D 122 -17.76 29.87 -14.49
C TYR D 122 -16.32 29.43 -14.36
N ASN D 123 -15.82 28.72 -15.37
CA ASN D 123 -14.48 28.12 -15.24
C ASN D 123 -13.39 28.63 -16.15
N ALA D 124 -13.71 28.94 -17.40
CA ALA D 124 -12.68 29.42 -18.33
C ALA D 124 -11.92 30.66 -17.82
N PRO D 125 -12.64 31.73 -17.36
CA PRO D 125 -11.97 32.90 -16.78
C PRO D 125 -11.05 32.55 -15.61
N HIS D 126 -11.50 31.67 -14.72
CA HIS D 126 -10.65 31.20 -13.62
C HIS D 126 -9.43 30.41 -14.14
N LEU D 127 -9.62 29.63 -15.21
CA LEU D 127 -8.52 28.90 -15.85
C LEU D 127 -7.50 29.90 -16.39
N MET D 128 -8.00 30.94 -17.04
CA MET D 128 -7.13 31.98 -17.59
C MET D 128 -6.28 32.64 -16.52
N GLN D 129 -6.91 33.05 -15.42
CA GLN D 129 -6.18 33.65 -14.31
C GLN D 129 -5.14 32.70 -13.72
N ASP D 130 -5.54 31.45 -13.49
CA ASP D 130 -4.64 30.44 -12.94
C ASP D 130 -3.43 30.23 -13.85
N LEU D 131 -3.71 30.07 -15.15
CA LEU D 131 -2.69 29.84 -16.15
C LEU D 131 -1.77 31.06 -16.27
N ASP D 132 -2.35 32.26 -16.21
CA ASP D 132 -1.59 33.51 -16.29
C ASP D 132 -0.64 33.63 -15.09
N THR D 133 -1.15 33.30 -13.89
CA THR D 133 -0.33 33.33 -12.66
C THR D 133 0.80 32.32 -12.73
N TYR D 134 0.49 31.14 -13.26
CA TYR D 134 1.47 30.07 -13.42
C TYR D 134 2.59 30.50 -14.35
N LEU D 135 2.23 31.19 -15.44
CA LEU D 135 3.21 31.68 -16.42
C LEU D 135 4.13 32.84 -15.94
N GLY D 136 3.85 33.38 -14.77
CA GLY D 136 4.70 34.45 -14.25
C GLY D 136 6.16 34.09 -14.32
N GLY D 137 6.94 34.91 -15.03
CA GLY D 137 8.38 34.71 -15.16
C GLY D 137 8.83 33.61 -16.08
N ARG D 138 7.88 32.92 -16.72
CA ARG D 138 8.20 31.81 -17.61
C ARG D 138 8.21 32.20 -19.09
N GLU D 139 9.02 31.51 -19.89
CA GLU D 139 9.05 31.68 -21.33
C GLU D 139 8.05 30.65 -21.88
N TRP D 140 8.19 29.40 -21.43
CA TRP D 140 7.32 28.30 -21.87
C TRP D 140 6.64 27.72 -20.65
N LEU D 141 5.55 26.98 -20.86
CA LEU D 141 4.80 26.38 -19.75
C LEU D 141 5.64 25.48 -18.83
N ILE D 142 6.47 24.62 -19.44
CA ILE D 142 7.32 23.72 -18.66
C ILE D 142 8.80 23.83 -19.04
N GLY D 143 9.63 23.99 -18.00
CA GLY D 143 11.08 24.05 -18.17
C GLY D 143 11.55 25.27 -18.90
N ASN D 144 12.70 25.15 -19.58
CA ASN D 144 13.27 26.29 -20.29
C ASN D 144 13.17 26.23 -21.81
N SER D 145 12.38 25.30 -22.34
CA SER D 145 12.20 25.18 -23.79
C SER D 145 10.78 24.68 -24.12
N VAL D 146 10.42 24.72 -25.39
CA VAL D 146 9.05 24.34 -25.83
C VAL D 146 8.76 22.86 -25.60
N THR D 147 7.50 22.56 -25.23
CA THR D 147 7.02 21.17 -25.08
C THR D 147 5.66 21.12 -25.78
N TRP D 148 5.10 19.91 -25.90
CA TRP D 148 3.81 19.76 -26.59
C TRP D 148 2.64 20.36 -25.77
N ALA D 149 2.90 20.68 -24.50
CA ALA D 149 1.93 21.39 -23.65
C ALA D 149 1.70 22.81 -24.20
N ASP D 150 2.79 23.46 -24.62
CA ASP D 150 2.75 24.82 -25.22
C ASP D 150 1.94 24.77 -26.51
N PHE D 151 2.15 23.71 -27.28
CA PHE D 151 1.39 23.46 -28.51
C PHE D 151 -0.09 23.27 -28.13
N TYR D 152 -0.36 22.51 -27.07
CA TYR D 152 -1.74 22.24 -26.68
C TYR D 152 -2.40 23.52 -26.15
N TRP D 153 -1.62 24.41 -25.54
CA TRP D 153 -2.16 25.71 -25.12
C TRP D 153 -2.65 26.51 -26.34
N GLU D 154 -1.79 26.64 -27.34
CA GLU D 154 -2.14 27.41 -28.56
C GLU D 154 -3.39 26.83 -29.25
N ILE D 155 -3.44 25.52 -29.34
CA ILE D 155 -4.54 24.80 -30.00
C ILE D 155 -5.86 24.96 -29.22
N CYS D 156 -5.80 24.68 -27.91
CA CYS D 156 -6.99 24.82 -27.08
C CYS D 156 -7.49 26.26 -27.01
N SER D 157 -6.59 27.22 -26.84
CA SER D 157 -6.97 28.64 -26.78
C SER D 157 -7.65 29.14 -28.06
N THR D 158 -7.16 28.67 -29.22
CA THR D 158 -7.73 29.05 -30.54
C THR D 158 -9.22 28.69 -30.54
N THR D 159 -9.52 27.48 -30.07
CA THR D 159 -10.89 26.98 -30.02
C THR D 159 -11.75 27.68 -28.98
N LEU D 160 -11.21 27.89 -27.78
CA LEU D 160 -11.95 28.62 -26.73
C LEU D 160 -12.30 30.04 -27.16
N LEU D 161 -11.37 30.66 -27.91
CA LEU D 161 -11.59 32.01 -28.41
C LEU D 161 -12.78 32.08 -29.39
N VAL D 162 -13.14 30.96 -29.99
CA VAL D 162 -14.31 30.90 -30.88
C VAL D 162 -15.59 31.03 -30.03
N PHE D 163 -15.67 30.26 -28.96
CA PHE D 163 -16.82 30.27 -28.04
C PHE D 163 -16.85 31.48 -27.13
N LYS D 164 -15.67 32.00 -26.79
CA LYS D 164 -15.59 33.17 -25.91
C LYS D 164 -14.52 34.13 -26.41
N PRO D 165 -14.91 35.03 -27.34
CA PRO D 165 -14.05 36.03 -28.00
C PRO D 165 -13.13 36.86 -27.10
N ASP D 166 -13.60 37.16 -25.87
CA ASP D 166 -12.86 38.03 -24.95
C ASP D 166 -12.01 37.28 -23.93
N LEU D 167 -11.85 35.99 -24.14
CA LEU D 167 -11.09 35.12 -23.24
C LEU D 167 -9.76 35.71 -22.76
N LEU D 168 -8.96 36.21 -23.71
CA LEU D 168 -7.63 36.71 -23.38
C LEU D 168 -7.46 38.22 -23.42
N ASP D 169 -8.58 38.95 -23.46
CA ASP D 169 -8.50 40.42 -23.51
C ASP D 169 -7.70 41.01 -22.35
N ASN D 170 -7.73 40.33 -21.20
CA ASN D 170 -7.01 40.81 -20.02
C ASN D 170 -5.76 40.01 -19.65
N HIS D 171 -5.32 39.14 -20.57
CA HIS D 171 -4.17 38.26 -20.28
C HIS D 171 -3.04 38.29 -21.33
N PRO D 172 -2.33 39.42 -21.46
CA PRO D 172 -1.25 39.49 -22.44
C PRO D 172 -0.20 38.38 -22.34
N ARG D 173 0.08 37.86 -21.13
CA ARG D 173 1.05 36.76 -21.02
C ARG D 173 0.58 35.49 -21.74
N LEU D 174 -0.72 35.26 -21.75
CA LEU D 174 -1.29 34.09 -22.46
C LEU D 174 -1.30 34.32 -23.97
N VAL D 175 -1.50 35.58 -24.37
CA VAL D 175 -1.40 35.96 -25.80
C VAL D 175 0.06 35.76 -26.27
N THR D 176 1.01 36.20 -25.43
CA THR D 176 2.45 36.08 -25.72
C THR D 176 2.84 34.62 -26.01
N LEU D 177 2.35 33.70 -25.20
CA LEU D 177 2.67 32.29 -25.39
C LEU D 177 2.05 31.75 -26.69
N ARG D 178 0.84 32.21 -27.04
CA ARG D 178 0.23 31.84 -28.34
C ARG D 178 1.11 32.31 -29.49
N LYS D 179 1.56 33.56 -29.38
CA LYS D 179 2.46 34.17 -30.37
C LYS D 179 3.77 33.40 -30.52
N LYS D 180 4.38 33.04 -29.39
CA LYS D 180 5.63 32.29 -29.39
C LYS D 180 5.50 30.93 -30.06
N VAL D 181 4.40 30.23 -29.82
CA VAL D 181 4.18 28.93 -30.46
C VAL D 181 3.97 29.10 -31.96
N GLN D 182 3.14 30.06 -32.33
CA GLN D 182 2.87 30.36 -33.74
C GLN D 182 4.08 30.86 -34.53
N ALA D 183 5.09 31.37 -33.82
CA ALA D 183 6.31 31.92 -34.44
C ALA D 183 7.37 30.85 -34.74
N ILE D 184 7.14 29.64 -34.24
CA ILE D 184 8.04 28.53 -34.51
C ILE D 184 7.86 28.25 -36.00
N PRO D 185 8.94 28.36 -36.80
CA PRO D 185 8.77 28.19 -38.25
C PRO D 185 7.98 26.99 -38.72
N ALA D 186 8.31 25.80 -38.23
CA ALA D 186 7.57 24.57 -38.62
C ALA D 186 6.07 24.72 -38.36
N VAL D 187 5.73 25.40 -37.27
CA VAL D 187 4.35 25.59 -36.84
C VAL D 187 3.66 26.66 -37.68
N ALA D 188 4.33 27.78 -37.91
CA ALA D 188 3.79 28.88 -38.72
C ALA D 188 3.44 28.38 -40.12
N ASN D 189 4.32 27.56 -40.67
CA ASN D 189 4.13 26.96 -42.00
C ASN D 189 2.96 26.01 -42.07
N TRP D 190 2.77 25.18 -41.04
CA TRP D 190 1.61 24.30 -41.00
C TRP D 190 0.33 25.15 -40.86
N ILE D 191 0.37 26.15 -39.99
CA ILE D 191 -0.78 27.05 -39.79
C ILE D 191 -1.22 27.71 -41.12
N LYS D 192 -0.25 28.12 -41.94
CA LYS D 192 -0.56 28.74 -43.24
C LYS D 192 -1.16 27.76 -44.23
N ARG D 193 -0.71 26.51 -44.21
CA ARG D 193 -1.14 25.57 -45.23
C ARG D 193 -2.38 24.73 -44.89
N ARG D 194 -2.72 24.64 -43.59
CA ARG D 194 -3.87 23.85 -43.16
C ARG D 194 -5.19 24.49 -43.60
N PRO D 195 -6.22 23.66 -43.88
CA PRO D 195 -7.53 24.21 -44.26
C PRO D 195 -8.03 25.12 -43.15
N GLN D 196 -8.61 26.26 -43.52
CA GLN D 196 -9.17 27.16 -42.52
C GLN D 196 -10.49 26.59 -42.01
N THR D 197 -10.56 26.37 -40.70
CA THR D 197 -11.76 25.84 -40.05
C THR D 197 -12.04 26.63 -38.78
N LYS D 198 -13.28 26.59 -38.28
CA LYS D 198 -13.65 27.27 -37.06
C LYS D 198 -13.15 26.47 -35.87
N LEU D 199 -13.34 25.15 -35.94
CA LEU D 199 -13.00 24.25 -34.87
C LEU D 199 -11.88 23.28 -35.27
N1 GSH E . 13.93 -11.33 19.70
CA1 GSH E . 15.07 -10.88 18.92
C1 GSH E . 15.00 -11.44 17.53
O11 GSH E . 15.56 -10.83 16.60
O12 GSH E . 14.36 -12.50 17.30
CB1 GSH E . 16.35 -11.37 19.61
CG1 GSH E . 17.53 -10.55 19.14
CD1 GSH E . 18.75 -11.04 19.89
OE1 GSH E . 18.66 -11.23 21.27
N2 GSH E . 19.85 -11.28 19.17
CA2 GSH E . 21.02 -11.90 19.81
C2 GSH E . 22.12 -10.91 20.04
O2 GSH E . 22.34 -9.89 19.11
CB2 GSH E . 21.59 -13.06 18.99
SG2 GSH E . 20.53 -14.53 18.99
N3 GSH E . 22.85 -11.11 21.13
CA3 GSH E . 24.22 -10.62 21.26
C3 GSH E . 24.21 -9.21 21.79
O31 GSH E . 25.26 -8.53 21.85
O32 GSH E . 23.12 -8.70 22.15
C1 D25 F . 22.99 -19.82 21.05
C2 D25 F . 21.79 -19.11 20.80
C3 D25 F . 20.56 -19.69 20.21
C4 D25 F . 19.35 -19.09 20.04
C6 D25 F . 23.88 -18.95 21.60
O10 D25 F . 20.44 -20.93 19.72
N11 D25 F . 19.33 -21.14 19.30
C12 D25 F . 18.55 -20.11 19.43
C13 D25 F . 17.13 -20.04 19.01
C14 D25 F . 16.71 -20.80 17.91
C15 D25 F . 15.39 -20.77 17.49
C16 D25 F . 14.49 -19.97 18.17
C17 D25 F . 14.90 -19.22 19.25
C18 D25 F . 16.21 -19.23 19.68
N6 D25 F . 21.97 -17.87 21.20
N10 D25 F . 23.26 -17.75 21.70
N1 GSH G . 3.27 -14.62 24.80
CA1 GSH G . 1.99 -15.01 25.39
C1 GSH G . 0.96 -13.98 25.03
O11 GSH G . -0.25 -14.27 25.06
O12 GSH G . 1.28 -12.80 24.73
CB1 GSH G . 2.13 -15.11 26.93
CG1 GSH G . 0.83 -15.60 27.61
CD1 GSH G . 1.06 -15.87 29.08
OE1 GSH G . 2.21 -16.54 29.51
N2 GSH G . 0.13 -15.43 29.92
CA2 GSH G . 0.17 -15.61 31.35
C2 GSH G . -0.50 -16.87 31.82
O2 GSH G . -1.43 -17.54 31.00
CB2 GSH G . -0.55 -14.44 32.03
SG2 GSH G . 0.07 -12.86 31.40
N3 GSH G . -0.17 -17.28 33.04
CA3 GSH G . -0.85 -18.38 33.70
C3 GSH G . -0.10 -19.65 33.45
O31 GSH G . -0.54 -20.74 33.89
O32 GSH G . 0.96 -19.64 32.81
C1 D25 H . 1.12 -10.55 36.29
C2 D25 H . 1.28 -10.69 34.89
C3 D25 H . 1.60 -9.60 33.94
C4 D25 H . 2.07 -9.75 32.67
C6 D25 H . 0.83 -11.77 36.79
O10 D25 H . 1.51 -8.27 34.15
N11 D25 H . 1.87 -7.63 33.16
C12 D25 H . 2.25 -8.42 32.19
C13 D25 H . 2.73 -8.07 30.82
C14 D25 H . 2.30 -6.91 30.18
C15 D25 H . 2.74 -6.64 28.90
C16 D25 H . 3.60 -7.52 28.24
C17 D25 H . 4.03 -8.68 28.86
C18 D25 H . 3.59 -8.96 30.15
N6 D25 H . 1.10 -11.94 34.59
N10 D25 H . 0.82 -12.65 35.76
N1 GSH I . -9.43 16.17 -14.16
CA1 GSH I . -8.76 16.41 -12.89
C1 GSH I . -8.19 15.14 -12.27
O11 GSH I . -7.46 15.23 -11.27
O12 GSH I . -8.41 14.01 -12.74
CB1 GSH I . -9.66 17.12 -11.87
CG1 GSH I . -11.12 16.70 -11.99
CD1 GSH I . -11.97 17.51 -11.05
OE1 GSH I . -12.92 18.40 -11.58
N2 GSH I . -11.78 17.35 -9.73
CA2 GSH I . -12.88 17.48 -8.79
C2 GSH I . -12.88 18.81 -8.09
O2 GSH I . -11.70 19.29 -7.49
CB2 GSH I . -12.90 16.33 -7.78
SG2 GSH I . -13.36 14.72 -8.50
N3 GSH I . -14.04 19.47 -8.08
CA3 GSH I . -14.37 20.47 -7.08
C3 GSH I . -14.43 21.87 -7.63
O31 GSH I . -14.84 22.82 -6.92
O32 GSH I . -14.09 22.11 -8.82
C1 D25 J . -18.50 12.57 -7.47
C2 D25 J . -17.29 12.56 -8.20
C3 D25 J . -16.70 11.39 -8.88
C4 D25 J . -15.78 11.42 -9.89
C6 D25 J . -18.68 13.83 -7.00
O10 D25 J . -16.95 10.10 -8.61
N11 D25 J . -16.31 9.37 -9.33
C12 D25 J . -15.57 10.05 -10.16
C13 D25 J . -14.65 9.48 -11.18
C14 D25 J . -14.20 8.17 -11.06
C15 D25 J . -13.32 7.63 -11.99
C16 D25 J . -12.90 8.44 -13.03
C17 D25 J . -13.34 9.75 -13.16
C18 D25 J . -14.21 10.29 -12.23
N6 D25 J . -16.77 13.76 -8.15
N10 D25 J . -17.63 14.58 -7.40
N1 GSH K . -10.57 11.91 -26.11
CA1 GSH K . -10.65 11.28 -27.41
C1 GSH K . -9.49 11.68 -28.26
O11 GSH K . -9.16 11.00 -29.25
O12 GSH K . -8.81 12.68 -27.99
CB1 GSH K . -11.94 11.73 -28.07
CG1 GSH K . -12.33 10.84 -29.25
CD1 GSH K . -13.66 11.34 -29.73
OE1 GSH K . -14.72 11.41 -28.81
N2 GSH K . -13.79 11.72 -31.01
CA2 GSH K . -14.96 12.42 -31.50
C2 GSH K . -15.76 11.58 -32.44
O2 GSH K . -15.12 10.52 -33.08
CB2 GSH K . -14.54 13.70 -32.21
SG2 GSH K . -13.93 14.87 -30.98
N3 GSH K . -17.05 11.91 -32.60
CA3 GSH K . -17.94 11.28 -33.57
C3 GSH K . -18.77 10.15 -32.99
O31 GSH K . -19.18 9.23 -33.74
O32 GSH K . -19.07 10.11 -31.77
#